data_7QPC
#
_entry.id   7QPC
#
_cell.length_a   1.00
_cell.length_b   1.00
_cell.length_c   1.00
_cell.angle_alpha   90.00
_cell.angle_beta   90.00
_cell.angle_gamma   90.00
#
_symmetry.space_group_name_H-M   'P 1'
#
loop_
_entity.id
_entity.type
_entity.pdbx_description
1 polymer 'Auxin efflux carrier component 8'
2 non-polymer '2-(naphthalen-1-ylcarbamoyl)benzoic acid'
3 non-polymer 1,2-DILINOLEOYL-SN-GLYCERO-3-PHOSPHOCHOLINE
4 water water
#
_entity_poly.entity_id   1
_entity_poly.type   'polypeptide(L)'
_entity_poly.pdbx_seq_one_letter_code
;MGISWLDIYHVVSATVPLYVSMTLGFLSARHLKLFSPEQCAGINKFVAKFSIPLLSFQIISENNPFKMSPKLILSDILQK
FLVVVVLAMVLRFWHPTGGRGGKLGWVITGLSISVLPNTLILGMPILSAIYGDEAASILEQIVVLQSLIWYTILLFLFEL
NAARALPSSGASLEHTGNDQEEANIEDEPKEEEDEEEVAIVRTRSVGTMKILLKAWRKLIINPNTYATLIGIIWATLHFR
LGWNLPEMIDKSIHLLSDGGLGMAMFSLGLFMASQSSIIACGTKMAIITMLLKFVLGPALMIASAYCIRLKSTLFKVAIL
QAALPQGVVPFVFAKEYNLHPEIISTGVIFGMLIALPTTLAYYFLLDLPGENLYFQ
;
_entity_poly.pdbx_strand_id   A,B
#
loop_
_chem_comp.id
_chem_comp.type
_chem_comp.name
_chem_comp.formula
DLP non-polymer 1,2-DILINOLEOYL-SN-GLYCERO-3-PHOSPHOCHOLINE 'C44 H80 N O8 P'
E7O non-polymer '2-(naphthalen-1-ylcarbamoyl)benzoic acid' 'C18 H13 N O3'
#
# COMPACT_ATOMS: atom_id res chain seq x y z
N MET A 1 5.73 30.85 14.23
CA MET A 1 5.35 32.09 14.97
C MET A 1 4.40 32.94 14.14
N GLY A 2 3.24 33.25 14.70
CA GLY A 2 2.26 34.05 14.00
C GLY A 2 1.64 33.29 12.83
N ILE A 3 0.97 34.06 11.98
CA ILE A 3 0.33 33.53 10.78
C ILE A 3 0.79 34.36 9.59
N SER A 4 1.21 33.68 8.52
CA SER A 4 1.68 34.36 7.32
C SER A 4 1.46 33.43 6.13
N TRP A 5 1.54 34.02 4.93
CA TRP A 5 1.21 33.28 3.72
C TRP A 5 2.13 32.07 3.54
N LEU A 6 3.39 32.18 3.93
CA LEU A 6 4.30 31.06 3.76
C LEU A 6 3.88 29.86 4.60
N ASP A 7 3.38 30.11 5.81
CA ASP A 7 2.90 29.01 6.65
C ASP A 7 1.71 28.31 6.02
N ILE A 8 0.76 29.08 5.47
CA ILE A 8 -0.38 28.48 4.81
C ILE A 8 0.07 27.70 3.59
N TYR A 9 1.06 28.22 2.87
CA TYR A 9 1.60 27.50 1.72
C TYR A 9 2.22 26.18 2.16
N HIS A 10 2.95 26.18 3.27
CA HIS A 10 3.55 24.95 3.78
C HIS A 10 2.47 23.94 4.17
N VAL A 11 1.41 24.40 4.82
CA VAL A 11 0.32 23.50 5.18
C VAL A 11 -0.31 22.91 3.92
N VAL A 12 -0.54 23.75 2.90
CA VAL A 12 -1.13 23.27 1.66
C VAL A 12 -0.21 22.26 0.99
N SER A 13 1.10 22.51 1.02
CA SER A 13 2.04 21.58 0.41
C SER A 13 2.06 20.26 1.16
N ALA A 14 1.90 20.28 2.48
CA ALA A 14 1.84 19.05 3.25
C ALA A 14 0.54 18.30 3.06
N THR A 15 -0.55 19.01 2.74
CA THR A 15 -1.85 18.36 2.60
C THR A 15 -2.16 17.91 1.19
N VAL A 16 -1.56 18.54 0.17
CA VAL A 16 -1.86 18.18 -1.22
C VAL A 16 -1.53 16.71 -1.51
N PRO A 17 -0.41 16.15 -1.04
CA PRO A 17 -0.13 14.74 -1.37
C PRO A 17 -1.26 13.79 -1.01
N LEU A 18 -1.87 13.96 0.16
CA LEU A 18 -2.94 13.08 0.59
C LEU A 18 -4.28 13.41 -0.05
N TYR A 19 -4.37 14.49 -0.83
CA TYR A 19 -5.52 14.75 -1.68
C TYR A 19 -5.33 14.24 -3.10
N VAL A 20 -4.11 14.28 -3.62
CA VAL A 20 -3.85 13.69 -4.93
C VAL A 20 -3.72 12.17 -4.83
N SER A 21 -3.48 11.63 -3.64
CA SER A 21 -3.58 10.19 -3.43
C SER A 21 -5.02 9.72 -3.27
N MET A 22 -5.97 10.64 -3.13
CA MET A 22 -7.39 10.33 -3.04
C MET A 22 -8.14 10.60 -4.33
N THR A 23 -7.80 11.68 -5.03
CA THR A 23 -8.40 11.93 -6.33
C THR A 23 -8.07 10.81 -7.30
N LEU A 24 -6.91 10.17 -7.15
CA LEU A 24 -6.56 9.03 -7.99
C LEU A 24 -7.57 7.90 -7.79
N GLY A 25 -7.86 7.56 -6.53
CA GLY A 25 -8.85 6.53 -6.28
C GLY A 25 -10.23 6.92 -6.76
N PHE A 26 -10.61 8.18 -6.57
CA PHE A 26 -11.92 8.64 -7.04
C PHE A 26 -12.03 8.47 -8.54
N LEU A 27 -11.02 8.89 -9.29
CA LEU A 27 -11.05 8.75 -10.75
C LEU A 27 -11.05 7.28 -11.15
N SER A 28 -10.24 6.46 -10.49
CA SER A 28 -10.17 5.06 -10.84
C SER A 28 -11.51 4.36 -10.62
N ALA A 29 -12.24 4.76 -9.59
CA ALA A 29 -13.52 4.12 -9.28
C ALA A 29 -14.67 4.69 -10.09
N ARG A 30 -14.60 5.96 -10.50
CA ARG A 30 -15.72 6.62 -11.18
C ARG A 30 -15.46 6.92 -12.64
N HIS A 31 -14.36 7.64 -12.94
CA HIS A 31 -14.12 8.08 -14.32
C HIS A 31 -13.43 7.00 -15.14
N LEU A 32 -12.25 6.56 -14.71
CA LEU A 32 -11.52 5.54 -15.45
C LEU A 32 -12.24 4.19 -15.45
N LYS A 33 -13.17 3.98 -14.52
CA LYS A 33 -13.90 2.72 -14.41
C LYS A 33 -12.92 1.54 -14.36
N LEU A 34 -12.02 1.60 -13.38
CA LEU A 34 -10.95 0.63 -13.25
C LEU A 34 -11.34 -0.56 -12.37
N PHE A 35 -12.05 -0.31 -11.27
CA PHE A 35 -12.37 -1.33 -10.29
C PHE A 35 -13.87 -1.61 -10.28
N SER A 36 -14.23 -2.89 -10.32
CA SER A 36 -15.60 -3.30 -10.10
C SER A 36 -15.96 -3.14 -8.62
N PRO A 37 -17.26 -3.06 -8.30
CA PRO A 37 -17.63 -2.85 -6.89
C PRO A 37 -17.03 -3.90 -5.95
N GLU A 38 -17.00 -5.17 -6.38
CA GLU A 38 -16.39 -6.19 -5.54
C GLU A 38 -14.89 -5.93 -5.35
N GLN A 39 -14.22 -5.49 -6.42
CA GLN A 39 -12.78 -5.22 -6.32
C GLN A 39 -12.51 -4.05 -5.37
N CYS A 40 -13.29 -2.98 -5.46
CA CYS A 40 -13.09 -1.86 -4.55
C CYS A 40 -13.42 -2.26 -3.12
N ALA A 41 -14.44 -3.09 -2.94
CA ALA A 41 -14.74 -3.60 -1.60
C ALA A 41 -13.58 -4.41 -1.05
N GLY A 42 -12.97 -5.24 -1.89
CA GLY A 42 -11.81 -6.01 -1.46
C GLY A 42 -10.64 -5.13 -1.08
N ILE A 43 -10.40 -4.08 -1.88
CA ILE A 43 -9.32 -3.14 -1.56
C ILE A 43 -9.60 -2.45 -0.22
N ASN A 44 -10.84 -2.03 -0.01
CA ASN A 44 -11.21 -1.40 1.25
C ASN A 44 -11.01 -2.35 2.43
N LYS A 45 -11.41 -3.61 2.26
CA LYS A 45 -11.20 -4.60 3.31
C LYS A 45 -9.72 -4.76 3.61
N PHE A 46 -8.90 -4.90 2.56
CA PHE A 46 -7.47 -5.10 2.77
C PHE A 46 -6.87 -3.92 3.53
N VAL A 47 -7.18 -2.69 3.10
CA VAL A 47 -6.59 -1.54 3.77
C VAL A 47 -7.06 -1.50 5.23
N ALA A 48 -8.37 -1.59 5.46
CA ALA A 48 -8.90 -1.48 6.81
C ALA A 48 -8.40 -2.58 7.73
N LYS A 49 -8.00 -3.73 7.19
CA LYS A 49 -7.57 -4.84 8.02
C LYS A 49 -6.06 -5.01 8.10
N PHE A 50 -5.29 -4.33 7.24
CA PHE A 50 -3.84 -4.50 7.26
C PHE A 50 -3.06 -3.21 7.44
N SER A 51 -3.49 -2.12 6.80
CA SER A 51 -2.74 -0.87 6.90
C SER A 51 -3.16 -0.04 8.10
N ILE A 52 -4.47 0.10 8.34
CA ILE A 52 -4.92 0.85 9.50
C ILE A 52 -4.43 0.22 10.79
N PRO A 53 -4.51 -1.10 10.99
CA PRO A 53 -3.92 -1.67 12.21
C PRO A 53 -2.42 -1.46 12.30
N LEU A 54 -1.69 -1.80 11.24
CA LEU A 54 -0.24 -1.65 11.26
C LEU A 54 0.16 -0.18 11.38
N LEU A 55 -0.54 0.72 10.69
CA LEU A 55 -0.26 2.14 10.81
C LEU A 55 -0.52 2.62 12.23
N SER A 56 -1.62 2.16 12.84
CA SER A 56 -1.93 2.53 14.21
C SER A 56 -0.84 2.07 15.15
N PHE A 57 -0.36 0.83 14.97
CA PHE A 57 0.71 0.33 15.83
C PHE A 57 1.98 1.14 15.65
N GLN A 58 2.37 1.40 14.40
CA GLN A 58 3.59 2.15 14.15
C GLN A 58 3.50 3.60 14.60
N ILE A 59 2.28 4.12 14.73
CA ILE A 59 2.11 5.49 15.21
C ILE A 59 2.03 5.56 16.73
N ILE A 60 1.46 4.54 17.37
CA ILE A 60 1.27 4.58 18.82
C ILE A 60 2.44 4.01 19.60
N SER A 61 3.25 3.15 18.98
CA SER A 61 4.41 2.60 19.68
C SER A 61 5.53 3.62 19.85
N GLU A 62 5.55 4.68 19.05
CA GLU A 62 6.66 5.62 19.08
C GLU A 62 6.61 6.53 20.30
N ASN A 63 5.43 7.00 20.68
CA ASN A 63 5.32 7.93 21.79
C ASN A 63 5.43 7.20 23.13
N ASN A 64 5.65 7.98 24.18
CA ASN A 64 5.79 7.43 25.52
C ASN A 64 4.44 7.44 26.22
N PRO A 65 3.87 6.28 26.56
CA PRO A 65 2.57 6.30 27.27
C PRO A 65 2.62 7.04 28.59
N PHE A 66 3.75 6.97 29.30
CA PHE A 66 3.86 7.65 30.58
C PHE A 66 3.83 9.17 30.45
N LYS A 67 4.12 9.69 29.26
CA LYS A 67 4.06 11.12 29.01
C LYS A 67 2.66 11.62 28.68
N MET A 68 1.70 10.72 28.50
CA MET A 68 0.33 11.12 28.21
C MET A 68 -0.17 12.07 29.29
N SER A 69 -0.46 13.31 28.89
CA SER A 69 -0.91 14.31 29.84
C SER A 69 -2.33 13.99 30.29
N PRO A 70 -2.59 13.82 31.58
CA PRO A 70 -3.98 13.55 32.01
C PRO A 70 -4.93 14.69 31.70
N LYS A 71 -4.42 15.92 31.57
CA LYS A 71 -5.31 17.05 31.30
C LYS A 71 -6.00 16.88 29.95
N LEU A 72 -5.26 16.45 28.92
CA LEU A 72 -5.86 16.26 27.62
C LEU A 72 -6.93 15.16 27.65
N ILE A 73 -6.65 14.06 28.35
CA ILE A 73 -7.62 12.98 28.45
C ILE A 73 -8.88 13.47 29.16
N LEU A 74 -8.72 14.21 30.25
CA LEU A 74 -9.87 14.72 30.98
C LEU A 74 -10.65 15.71 30.11
N SER A 75 -9.95 16.53 29.33
CA SER A 75 -10.63 17.44 28.42
C SER A 75 -11.45 16.67 27.38
N ASP A 76 -10.90 15.57 26.86
CA ASP A 76 -11.65 14.74 25.92
C ASP A 76 -12.90 14.16 26.57
N ILE A 77 -12.76 13.65 27.79
CA ILE A 77 -13.91 13.11 28.52
C ILE A 77 -14.97 14.20 28.69
N LEU A 78 -14.55 15.39 29.11
CA LEU A 78 -15.50 16.47 29.33
C LEU A 78 -16.19 16.88 28.04
N GLN A 79 -15.45 16.94 26.94
CA GLN A 79 -16.06 17.29 25.66
C GLN A 79 -17.09 16.27 25.24
N LYS A 80 -16.76 14.99 25.34
CA LYS A 80 -17.65 13.94 24.88
C LYS A 80 -18.77 13.64 25.88
N PHE A 81 -18.73 14.24 27.06
CA PHE A 81 -19.88 14.29 27.96
C PHE A 81 -20.77 15.48 27.70
N LEU A 82 -20.19 16.66 27.48
CA LEU A 82 -20.97 17.84 27.17
C LEU A 82 -21.72 17.67 25.86
N VAL A 83 -21.09 17.05 24.86
CA VAL A 83 -21.76 16.82 23.59
C VAL A 83 -22.97 15.91 23.80
N VAL A 84 -22.82 14.88 24.63
CA VAL A 84 -23.94 13.99 24.92
C VAL A 84 -25.07 14.77 25.58
N VAL A 85 -24.72 15.63 26.56
CA VAL A 85 -25.75 16.40 27.27
C VAL A 85 -26.49 17.30 26.29
N VAL A 86 -25.75 18.01 25.44
CA VAL A 86 -26.39 18.94 24.50
C VAL A 86 -27.25 18.19 23.49
N LEU A 87 -26.76 17.04 23.02
CA LEU A 87 -27.56 16.25 22.07
C LEU A 87 -28.85 15.76 22.72
N ALA A 88 -28.76 15.30 23.97
CA ALA A 88 -29.97 14.87 24.68
C ALA A 88 -30.93 16.02 24.85
N MET A 89 -30.43 17.20 25.22
CA MET A 89 -31.30 18.35 25.42
C MET A 89 -31.98 18.76 24.12
N VAL A 90 -31.22 18.84 23.02
CA VAL A 90 -31.79 19.32 21.77
C VAL A 90 -32.76 18.30 21.20
N LEU A 91 -32.45 17.00 21.35
CA LEU A 91 -33.35 15.98 20.81
C LEU A 91 -34.73 16.07 21.46
N ARG A 92 -34.78 16.29 22.77
CA ARG A 92 -36.06 16.43 23.44
C ARG A 92 -36.83 17.64 22.92
N PHE A 93 -36.13 18.75 22.69
CA PHE A 93 -36.80 19.98 22.28
C PHE A 93 -37.26 19.91 20.83
N TRP A 94 -36.43 19.35 19.94
CA TRP A 94 -36.73 19.35 18.51
C TRP A 94 -36.20 18.05 17.90
N HIS A 95 -37.10 17.16 17.51
CA HIS A 95 -36.70 15.94 16.83
C HIS A 95 -36.26 16.27 15.41
N PRO A 96 -35.08 15.79 14.97
CA PRO A 96 -34.61 16.15 13.63
C PRO A 96 -35.61 15.89 12.52
N THR A 97 -36.09 14.65 12.40
CA THR A 97 -37.00 14.29 11.32
C THR A 97 -38.47 14.38 11.72
N GLY A 98 -38.78 14.33 13.01
CA GLY A 98 -40.16 14.38 13.45
C GLY A 98 -40.95 13.11 13.23
N GLY A 99 -40.28 12.01 12.89
CA GLY A 99 -40.96 10.74 12.65
C GLY A 99 -41.02 9.88 13.89
N ARG A 100 -40.81 10.48 15.06
CA ARG A 100 -40.82 9.75 16.34
C ARG A 100 -39.82 8.61 16.32
N GLY A 101 -38.66 8.85 15.72
CA GLY A 101 -37.61 7.85 15.72
C GLY A 101 -36.97 7.68 17.08
N GLY A 102 -36.26 6.56 17.23
CA GLY A 102 -35.59 6.27 18.48
C GLY A 102 -34.60 7.34 18.88
N LYS A 103 -34.73 7.85 20.10
CA LYS A 103 -33.81 8.89 20.56
C LYS A 103 -32.39 8.35 20.64
N LEU A 104 -32.22 7.13 21.13
CA LEU A 104 -30.89 6.55 21.24
C LEU A 104 -30.25 6.41 19.86
N GLY A 105 -31.04 6.07 18.85
CA GLY A 105 -30.51 5.97 17.50
C GLY A 105 -29.93 7.28 17.00
N TRP A 106 -30.64 8.39 17.25
CA TRP A 106 -30.13 9.69 16.83
C TRP A 106 -28.95 10.13 17.68
N VAL A 107 -28.92 9.76 18.96
CA VAL A 107 -27.76 10.07 19.79
C VAL A 107 -26.53 9.34 19.26
N ILE A 108 -26.70 8.07 18.86
CA ILE A 108 -25.59 7.33 18.27
C ILE A 108 -25.19 7.94 16.93
N THR A 109 -26.18 8.41 16.16
CA THR A 109 -25.85 9.18 14.97
C THR A 109 -25.03 10.40 15.33
N GLY A 110 -25.40 11.08 16.41
CA GLY A 110 -24.51 12.04 17.04
C GLY A 110 -23.41 11.33 17.79
N LEU A 111 -22.49 12.12 18.35
CA LEU A 111 -21.31 11.59 19.01
C LEU A 111 -20.36 10.96 18.00
N SER A 112 -20.75 10.97 16.72
CA SER A 112 -19.90 10.55 15.63
C SER A 112 -19.79 11.60 14.54
N ILE A 113 -20.86 12.39 14.32
CA ILE A 113 -20.79 13.57 13.48
C ILE A 113 -20.19 14.76 14.22
N SER A 114 -19.99 14.65 15.54
CA SER A 114 -19.55 15.76 16.37
C SER A 114 -18.17 15.57 16.96
N VAL A 115 -17.93 14.45 17.66
CA VAL A 115 -16.74 14.33 18.50
C VAL A 115 -15.94 13.08 18.18
N LEU A 116 -16.00 12.62 16.93
CA LEU A 116 -15.18 11.50 16.47
C LEU A 116 -14.54 11.87 15.13
N PRO A 117 -13.55 12.75 15.14
CA PRO A 117 -12.90 13.14 13.88
C PRO A 117 -11.95 12.07 13.39
N ASN A 118 -11.43 12.30 12.18
CA ASN A 118 -10.43 11.43 11.57
C ASN A 118 -9.06 11.89 12.05
N THR A 119 -8.44 11.12 12.95
CA THR A 119 -7.20 11.51 13.59
C THR A 119 -6.00 10.66 13.18
N LEU A 120 -6.20 9.54 12.49
CA LEU A 120 -5.09 8.72 12.03
C LEU A 120 -4.62 9.13 10.64
N ILE A 121 -5.52 9.08 9.66
CA ILE A 121 -5.15 9.29 8.27
C ILE A 121 -5.13 10.79 7.94
N LEU A 122 -6.28 11.44 8.07
CA LEU A 122 -6.44 12.83 7.65
C LEU A 122 -6.23 13.82 8.80
N GLY A 123 -5.84 13.34 9.98
CA GLY A 123 -5.66 14.21 11.12
C GLY A 123 -4.22 14.40 11.53
N MET A 124 -3.40 13.35 11.35
CA MET A 124 -2.00 13.45 11.75
C MET A 124 -1.18 14.28 10.78
N PRO A 125 -1.25 14.06 9.46
CA PRO A 125 -0.42 14.88 8.55
C PRO A 125 -0.74 16.36 8.63
N ILE A 126 -2.02 16.72 8.59
CA ILE A 126 -2.39 18.13 8.55
C ILE A 126 -1.95 18.82 9.85
N LEU A 127 -2.28 18.22 10.99
CA LEU A 127 -1.95 18.84 12.27
C LEU A 127 -0.44 18.89 12.48
N SER A 128 0.27 17.83 12.08
CA SER A 128 1.73 17.84 12.20
C SER A 128 2.34 18.95 11.36
N ALA A 129 1.85 19.13 10.14
CA ALA A 129 2.35 20.21 9.29
C ALA A 129 2.04 21.57 9.90
N ILE A 130 0.84 21.74 10.46
CA ILE A 130 0.45 23.04 10.98
C ILE A 130 1.27 23.40 12.21
N TYR A 131 1.42 22.45 13.15
CA TYR A 131 2.09 22.71 14.42
C TYR A 131 3.37 21.90 14.58
N GLY A 132 3.97 21.46 13.49
CA GLY A 132 5.22 20.74 13.59
C GLY A 132 5.02 19.37 14.24
N ASP A 133 6.10 18.88 14.84
CA ASP A 133 6.09 17.56 15.47
C ASP A 133 5.49 17.58 16.87
N GLU A 134 5.29 18.76 17.47
CA GLU A 134 4.70 18.81 18.80
C GLU A 134 3.28 18.27 18.80
N ALA A 135 2.49 18.62 17.78
CA ALA A 135 1.11 18.13 17.71
C ALA A 135 1.03 16.66 17.35
N ALA A 136 2.04 16.12 16.66
CA ALA A 136 2.03 14.71 16.30
C ALA A 136 2.07 13.82 17.53
N SER A 137 2.65 14.28 18.63
CA SER A 137 2.71 13.51 19.87
C SER A 137 1.52 13.78 20.79
N ILE A 138 0.61 14.67 20.39
CA ILE A 138 -0.57 14.97 21.19
C ILE A 138 -1.76 14.25 20.58
N LEU A 139 -1.80 14.18 19.24
CA LEU A 139 -2.87 13.43 18.58
C LEU A 139 -2.81 11.95 18.95
N GLU A 140 -1.61 11.40 19.06
CA GLU A 140 -1.48 9.98 19.37
C GLU A 140 -2.21 9.63 20.66
N GLN A 141 -2.21 10.54 21.64
CA GLN A 141 -2.99 10.32 22.85
C GLN A 141 -4.48 10.25 22.52
N ILE A 142 -4.99 11.24 21.80
CA ILE A 142 -6.38 11.23 21.39
C ILE A 142 -6.67 10.06 20.45
N VAL A 143 -5.72 9.73 19.57
CA VAL A 143 -5.95 8.61 18.65
C VAL A 143 -6.12 7.31 19.42
N VAL A 144 -5.24 7.04 20.39
CA VAL A 144 -5.33 5.80 21.13
C VAL A 144 -6.57 5.79 22.01
N LEU A 145 -6.91 6.93 22.62
CA LEU A 145 -8.14 6.99 23.40
C LEU A 145 -9.36 6.70 22.54
N GLN A 146 -9.44 7.31 21.36
CA GLN A 146 -10.56 7.09 20.46
C GLN A 146 -10.62 5.64 19.99
N SER A 147 -9.48 5.03 19.69
CA SER A 147 -9.48 3.65 19.21
C SER A 147 -9.84 2.68 20.32
N LEU A 148 -9.48 2.98 21.57
CA LEU A 148 -9.69 2.03 22.66
C LEU A 148 -11.05 2.21 23.34
N ILE A 149 -11.30 3.38 23.91
CA ILE A 149 -12.46 3.57 24.78
C ILE A 149 -13.67 4.05 23.99
N TRP A 150 -13.51 5.08 23.16
CA TRP A 150 -14.65 5.67 22.48
C TRP A 150 -15.22 4.74 21.41
N TYR A 151 -14.36 4.08 20.63
CA TYR A 151 -14.83 3.17 19.60
C TYR A 151 -15.31 1.84 20.17
N THR A 152 -15.10 1.58 21.46
CA THR A 152 -15.73 0.46 22.13
C THR A 152 -17.08 0.85 22.71
N ILE A 153 -17.17 2.04 23.31
CA ILE A 153 -18.45 2.53 23.82
C ILE A 153 -19.42 2.72 22.66
N LEU A 154 -18.93 3.21 21.52
CA LEU A 154 -19.78 3.38 20.35
C LEU A 154 -20.28 2.03 19.84
N LEU A 155 -19.42 1.02 19.83
CA LEU A 155 -19.85 -0.31 19.41
C LEU A 155 -20.92 -0.86 20.35
N PHE A 156 -20.72 -0.69 21.65
CA PHE A 156 -21.72 -1.14 22.61
C PHE A 156 -23.04 -0.40 22.41
N LEU A 157 -22.98 0.90 22.16
CA LEU A 157 -24.19 1.67 21.91
C LEU A 157 -24.89 1.21 20.65
N PHE A 158 -24.13 0.89 19.60
CA PHE A 158 -24.72 0.40 18.37
C PHE A 158 -25.42 -0.94 18.62
N GLU A 159 -24.79 -1.84 19.37
CA GLU A 159 -25.43 -3.11 19.69
C GLU A 159 -26.71 -2.90 20.50
N LEU A 160 -26.66 -1.99 21.48
CA LEU A 160 -27.84 -1.72 22.29
C LEU A 160 -28.97 -1.16 21.44
N ASN A 161 -28.65 -0.25 20.52
CA ASN A 161 -29.68 0.30 19.64
C ASN A 161 -30.25 -0.78 18.73
N ALA A 162 -29.40 -1.65 18.19
CA ALA A 162 -29.88 -2.71 17.33
C ALA A 162 -30.83 -3.64 18.08
N ALA A 163 -30.50 -3.98 19.32
CA ALA A 163 -31.38 -4.83 20.10
C ALA A 163 -32.68 -4.12 20.48
N ARG A 164 -32.59 -2.83 20.81
CA ARG A 164 -33.77 -2.09 21.26
C ARG A 164 -34.83 -2.03 20.16
N ALA A 165 -34.41 -1.77 18.93
CA ALA A 165 -35.35 -1.65 17.81
C ALA A 165 -36.09 -2.96 17.58
N GLY A 207 -31.30 -8.84 26.85
CA GLY A 207 -30.59 -8.73 28.11
C GLY A 207 -29.35 -7.87 28.00
N THR A 208 -29.10 -7.06 29.04
CA THR A 208 -27.92 -6.19 29.02
C THR A 208 -26.63 -7.01 28.99
N MET A 209 -26.57 -8.08 29.78
CA MET A 209 -25.38 -8.94 29.77
C MET A 209 -25.19 -9.58 28.40
N LYS A 210 -26.28 -10.03 27.77
CA LYS A 210 -26.17 -10.60 26.44
C LYS A 210 -25.65 -9.57 25.44
N ILE A 211 -26.13 -8.32 25.55
CA ILE A 211 -25.66 -7.28 24.65
C ILE A 211 -24.18 -7.01 24.88
N LEU A 212 -23.75 -6.96 26.14
CA LEU A 212 -22.33 -6.75 26.42
C LEU A 212 -21.49 -7.89 25.85
N LEU A 213 -21.97 -9.12 25.98
CA LEU A 213 -21.25 -10.27 25.44
C LEU A 213 -21.15 -10.21 23.92
N LYS A 214 -22.23 -9.82 23.25
CA LYS A 214 -22.22 -9.70 21.80
C LYS A 214 -21.24 -8.60 21.38
N ALA A 215 -21.23 -7.48 22.10
CA ALA A 215 -20.29 -6.41 21.81
C ALA A 215 -18.86 -6.88 22.00
N TRP A 216 -18.61 -7.69 23.04
CA TRP A 216 -17.28 -8.23 23.24
C TRP A 216 -16.86 -9.12 22.09
N ARG A 217 -17.78 -9.97 21.62
CA ARG A 217 -17.47 -10.81 20.45
C ARG A 217 -17.14 -9.98 19.23
N LYS A 218 -17.92 -8.91 19.00
CA LYS A 218 -17.66 -8.05 17.85
C LYS A 218 -16.34 -7.30 18.00
N LEU A 219 -15.98 -6.93 19.23
CA LEU A 219 -14.74 -6.20 19.46
C LEU A 219 -13.52 -7.09 19.33
N ILE A 220 -13.63 -8.37 19.70
CA ILE A 220 -12.48 -9.26 19.66
C ILE A 220 -11.93 -9.38 18.25
N ILE A 221 -12.81 -9.54 17.26
CA ILE A 221 -12.37 -9.75 15.89
C ILE A 221 -11.75 -8.52 15.26
N ASN A 222 -11.93 -7.35 15.87
CA ASN A 222 -11.36 -6.13 15.29
C ASN A 222 -9.83 -6.20 15.34
N PRO A 223 -9.15 -5.99 14.20
CA PRO A 223 -7.68 -5.97 14.24
C PRO A 223 -7.13 -4.63 14.70
N ASN A 224 -7.90 -3.57 14.47
CA ASN A 224 -7.46 -2.24 14.89
C ASN A 224 -7.34 -2.15 16.40
N THR A 225 -8.30 -2.74 17.12
CA THR A 225 -8.22 -2.73 18.59
C THR A 225 -6.99 -3.49 19.07
N TYR A 226 -6.72 -4.66 18.48
CA TYR A 226 -5.53 -5.40 18.86
C TYR A 226 -4.26 -4.61 18.58
N ALA A 227 -4.21 -3.95 17.41
CA ALA A 227 -3.02 -3.17 17.05
C ALA A 227 -2.82 -2.01 18.02
N THR A 228 -3.89 -1.27 18.33
CA THR A 228 -3.76 -0.12 19.20
C THR A 228 -3.53 -0.53 20.66
N LEU A 229 -3.91 -1.75 21.04
CA LEU A 229 -3.58 -2.24 22.37
C LEU A 229 -2.10 -2.65 22.44
N ILE A 230 -1.66 -3.47 21.48
CA ILE A 230 -0.27 -3.88 21.46
C ILE A 230 0.65 -2.67 21.32
N GLY A 231 0.16 -1.61 20.69
CA GLY A 231 0.98 -0.40 20.58
C GLY A 231 1.40 0.13 21.94
N ILE A 232 0.44 0.28 22.86
CA ILE A 232 0.78 0.76 24.19
C ILE A 232 1.52 -0.33 24.97
N ILE A 233 1.11 -1.59 24.82
CA ILE A 233 1.78 -2.66 25.55
C ILE A 233 3.25 -2.74 25.17
N TRP A 234 3.61 -2.34 23.96
CA TRP A 234 5.00 -2.33 23.54
C TRP A 234 5.70 -1.01 23.81
N ALA A 235 4.98 0.11 23.73
CA ALA A 235 5.58 1.40 24.04
C ALA A 235 5.99 1.48 25.51
N THR A 236 5.16 0.93 26.39
CA THR A 236 5.53 0.89 27.81
C THR A 236 6.86 0.18 28.00
N LEU A 237 7.01 -1.00 27.40
CA LEU A 237 8.27 -1.74 27.53
C LEU A 237 9.43 -0.97 26.90
N HIS A 238 9.21 -0.38 25.72
CA HIS A 238 10.30 0.29 25.03
C HIS A 238 10.80 1.50 25.80
N PHE A 239 9.89 2.27 26.39
CA PHE A 239 10.28 3.49 27.08
C PHE A 239 10.65 3.26 28.55
N ARG A 240 10.25 2.13 29.13
CA ARG A 240 10.59 1.81 30.51
C ARG A 240 11.67 0.74 30.61
N LEU A 241 11.47 -0.40 29.97
CA LEU A 241 12.46 -1.47 30.00
C LEU A 241 13.59 -1.26 29.00
N GLY A 242 13.42 -0.35 28.04
CA GLY A 242 14.47 -0.07 27.08
C GLY A 242 14.55 -1.02 25.91
N TRP A 243 13.61 -1.97 25.80
CA TRP A 243 13.65 -2.91 24.70
C TRP A 243 13.42 -2.20 23.36
N ASN A 244 14.06 -2.73 22.32
CA ASN A 244 13.95 -2.19 20.98
C ASN A 244 13.53 -3.28 20.01
N LEU A 245 12.69 -2.92 19.05
CA LEU A 245 12.24 -3.90 18.07
C LEU A 245 13.42 -4.42 17.26
N PRO A 246 13.50 -5.72 17.01
CA PRO A 246 14.57 -6.23 16.14
C PRO A 246 14.46 -5.64 14.75
N GLU A 247 15.61 -5.51 14.09
CA GLU A 247 15.65 -4.93 12.74
C GLU A 247 14.66 -5.63 11.83
N MET A 248 14.62 -6.97 11.87
CA MET A 248 13.71 -7.71 11.00
C MET A 248 12.27 -7.35 11.28
N ILE A 249 11.86 -7.35 12.55
CA ILE A 249 10.47 -7.07 12.91
C ILE A 249 10.10 -5.65 12.51
N ASP A 250 10.98 -4.69 12.83
CA ASP A 250 10.68 -3.30 12.52
C ASP A 250 10.56 -3.08 11.02
N LYS A 251 11.47 -3.64 10.24
CA LYS A 251 11.41 -3.48 8.79
C LYS A 251 10.17 -4.16 8.21
N SER A 252 9.82 -5.33 8.74
CA SER A 252 8.62 -6.02 8.25
C SER A 252 7.37 -5.18 8.55
N ILE A 253 7.30 -4.59 9.74
CA ILE A 253 6.15 -3.74 10.06
C ILE A 253 6.14 -2.52 9.15
N HIS A 254 7.30 -1.92 8.90
CA HIS A 254 7.36 -0.72 8.07
C HIS A 254 6.95 -1.00 6.65
N LEU A 255 7.30 -2.18 6.12
CA LEU A 255 6.99 -2.50 4.72
C LEU A 255 5.52 -2.26 4.42
N LEU A 256 4.62 -2.71 5.29
CA LEU A 256 3.19 -2.49 5.11
C LEU A 256 2.72 -1.19 5.73
N SER A 257 3.35 -0.72 6.81
CA SER A 257 2.97 0.56 7.39
C SER A 257 3.30 1.70 6.43
N ASP A 258 4.47 1.65 5.81
CA ASP A 258 4.81 2.64 4.79
C ASP A 258 3.80 2.59 3.66
N GLY A 259 3.30 3.76 3.26
CA GLY A 259 2.24 3.83 2.28
C GLY A 259 0.86 3.54 2.83
N GLY A 260 0.74 3.25 4.12
CA GLY A 260 -0.58 3.04 4.70
C GLY A 260 -1.45 4.28 4.59
N LEU A 261 -0.85 5.45 4.82
CA LEU A 261 -1.59 6.70 4.66
C LEU A 261 -2.05 6.88 3.22
N GLY A 262 -1.16 6.61 2.26
CA GLY A 262 -1.51 6.81 0.86
C GLY A 262 -2.64 5.89 0.43
N MET A 263 -2.55 4.61 0.78
CA MET A 263 -3.59 3.68 0.36
C MET A 263 -4.87 3.90 1.16
N ALA A 264 -4.76 4.37 2.40
CA ALA A 264 -5.97 4.73 3.15
C ALA A 264 -6.70 5.88 2.48
N MET A 265 -5.96 6.90 2.03
CA MET A 265 -6.59 7.98 1.28
C MET A 265 -7.15 7.47 -0.05
N PHE A 266 -6.46 6.54 -0.69
CA PHE A 266 -6.98 5.94 -1.92
C PHE A 266 -8.30 5.23 -1.66
N SER A 267 -8.39 4.48 -0.57
CA SER A 267 -9.64 3.81 -0.22
C SER A 267 -10.74 4.81 0.11
N LEU A 268 -10.38 5.90 0.78
CA LEU A 268 -11.36 6.95 1.05
C LEU A 268 -11.88 7.55 -0.25
N GLY A 269 -11.00 7.74 -1.23
CA GLY A 269 -11.44 8.21 -2.54
C GLY A 269 -12.35 7.21 -3.23
N LEU A 270 -12.02 5.92 -3.12
CA LEU A 270 -12.90 4.89 -3.67
C LEU A 270 -14.28 4.96 -3.02
N PHE A 271 -14.32 5.11 -1.69
CA PHE A 271 -15.59 5.23 -0.99
C PHE A 271 -16.37 6.45 -1.47
N MET A 272 -15.68 7.59 -1.64
CA MET A 272 -16.35 8.77 -2.14
C MET A 272 -16.93 8.52 -3.53
N ALA A 273 -16.17 7.84 -4.39
CA ALA A 273 -16.65 7.54 -5.74
C ALA A 273 -17.83 6.56 -5.71
N SER A 274 -17.92 5.74 -4.67
CA SER A 274 -19.00 4.76 -4.61
C SER A 274 -20.37 5.45 -4.56
N GLN A 275 -20.47 6.54 -3.80
CA GLN A 275 -21.76 7.19 -3.63
C GLN A 275 -22.17 7.94 -4.89
N SER A 276 -23.46 7.89 -5.20
CA SER A 276 -23.95 8.56 -6.41
C SER A 276 -23.75 10.06 -6.34
N SER A 277 -24.06 10.67 -5.19
CA SER A 277 -23.94 12.11 -5.01
C SER A 277 -23.31 12.41 -3.66
N ILE A 278 -22.64 13.56 -3.58
CA ILE A 278 -22.00 13.96 -2.33
C ILE A 278 -23.05 14.16 -1.24
N ILE A 279 -24.14 14.85 -1.57
CA ILE A 279 -25.22 15.11 -0.63
C ILE A 279 -26.25 13.98 -0.79
N ALA A 280 -26.20 13.01 0.13
CA ALA A 280 -27.09 11.87 0.04
C ALA A 280 -28.47 12.17 0.62
N CYS A 281 -28.51 12.49 1.91
CA CYS A 281 -29.80 12.69 2.58
C CYS A 281 -30.52 13.92 2.04
N GLY A 282 -29.82 15.05 1.97
CA GLY A 282 -30.42 16.27 1.49
C GLY A 282 -29.62 17.48 1.94
N THR A 283 -29.98 18.64 1.39
CA THR A 283 -29.26 19.86 1.69
C THR A 283 -29.36 20.23 3.17
N LYS A 284 -30.55 20.12 3.74
CA LYS A 284 -30.74 20.47 5.15
C LYS A 284 -29.90 19.58 6.05
N MET A 285 -29.94 18.27 5.81
CA MET A 285 -29.19 17.34 6.64
C MET A 285 -27.69 17.55 6.46
N ALA A 286 -27.23 17.80 5.24
CA ALA A 286 -25.82 18.05 5.03
C ALA A 286 -25.36 19.30 5.76
N ILE A 287 -26.14 20.38 5.67
CA ILE A 287 -25.78 21.62 6.36
C ILE A 287 -25.75 21.38 7.86
N ILE A 288 -26.74 20.67 8.40
CA ILE A 288 -26.75 20.40 9.83
C ILE A 288 -25.55 19.57 10.24
N THR A 289 -25.20 18.56 9.45
CA THR A 289 -24.06 17.72 9.76
C THR A 289 -22.77 18.53 9.80
N MET A 290 -22.55 19.35 8.77
CA MET A 290 -21.34 20.16 8.73
C MET A 290 -21.31 21.16 9.88
N LEU A 291 -22.44 21.82 10.15
CA LEU A 291 -22.49 22.77 11.25
C LEU A 291 -22.13 22.09 12.56
N LEU A 292 -22.75 20.94 12.83
CA LEU A 292 -22.40 20.19 14.04
C LEU A 292 -20.91 19.91 14.08
N LYS A 293 -20.41 19.18 13.07
CA LYS A 293 -19.03 18.70 13.12
C LYS A 293 -18.04 19.84 13.30
N PHE A 294 -18.26 20.96 12.62
CA PHE A 294 -17.24 22.02 12.57
C PHE A 294 -17.57 23.22 13.45
N VAL A 295 -18.63 23.15 14.27
CA VAL A 295 -18.88 24.21 15.23
C VAL A 295 -19.05 23.61 16.62
N LEU A 296 -20.00 22.66 16.76
CA LEU A 296 -20.31 22.14 18.08
C LEU A 296 -19.16 21.31 18.64
N GLY A 297 -18.43 20.61 17.78
CA GLY A 297 -17.26 19.87 18.21
C GLY A 297 -16.19 20.81 18.73
N PRO A 298 -15.68 21.68 17.86
CA PRO A 298 -14.68 22.66 18.31
C PRO A 298 -15.17 23.56 19.44
N ALA A 299 -16.43 24.00 19.40
CA ALA A 299 -16.94 24.86 20.46
C ALA A 299 -16.99 24.12 21.80
N LEU A 300 -17.48 22.88 21.79
CA LEU A 300 -17.52 22.10 23.02
C LEU A 300 -16.12 21.80 23.52
N MET A 301 -15.16 21.57 22.61
CA MET A 301 -13.79 21.36 23.03
C MET A 301 -13.19 22.62 23.64
N ILE A 302 -13.54 23.79 23.09
CA ILE A 302 -13.09 25.04 23.69
C ILE A 302 -13.66 25.19 25.10
N ALA A 303 -14.94 24.90 25.26
CA ALA A 303 -15.55 24.98 26.58
C ALA A 303 -14.89 24.02 27.56
N SER A 304 -14.62 22.79 27.10
CA SER A 304 -13.96 21.81 27.96
C SER A 304 -12.55 22.24 28.32
N ALA A 305 -11.81 22.81 27.38
CA ALA A 305 -10.46 23.29 27.68
C ALA A 305 -10.50 24.42 28.69
N TYR A 306 -11.44 25.35 28.54
CA TYR A 306 -11.56 26.44 29.50
C TYR A 306 -11.91 25.89 30.88
N CYS A 307 -12.80 24.90 30.95
CA CYS A 307 -13.12 24.29 32.23
C CYS A 307 -11.90 23.62 32.85
N ILE A 308 -11.11 22.90 32.03
CA ILE A 308 -9.93 22.22 32.52
C ILE A 308 -8.70 23.13 32.55
N ARG A 309 -8.75 24.28 31.87
CA ARG A 309 -7.65 25.24 31.86
C ARG A 309 -6.38 24.62 31.28
N LEU A 310 -6.49 24.21 30.01
CA LEU A 310 -5.33 23.70 29.29
C LEU A 310 -4.33 24.83 29.03
N LYS A 311 -3.22 24.49 28.39
CA LYS A 311 -2.12 25.41 28.16
C LYS A 311 -1.83 25.53 26.68
N SER A 312 -1.07 26.57 26.33
CA SER A 312 -0.70 26.80 24.94
C SER A 312 0.15 25.63 24.43
N THR A 313 0.04 25.38 23.13
CA THR A 313 0.65 24.25 22.42
C THR A 313 -0.12 22.96 22.69
N LEU A 314 -1.12 22.97 23.57
CA LEU A 314 -1.96 21.81 23.82
C LEU A 314 -3.41 22.19 23.62
N PHE A 315 -3.75 23.43 23.99
CA PHE A 315 -5.10 23.94 23.73
C PHE A 315 -5.38 24.00 22.23
N LYS A 316 -4.48 24.64 21.47
CA LYS A 316 -4.70 24.78 20.03
C LYS A 316 -4.71 23.41 19.35
N VAL A 317 -3.82 22.51 19.76
CA VAL A 317 -3.80 21.17 19.17
C VAL A 317 -5.12 20.47 19.42
N ALA A 318 -5.64 20.56 20.65
CA ALA A 318 -6.92 19.93 20.96
C ALA A 318 -8.05 20.52 20.12
N ILE A 319 -8.08 21.85 19.98
CA ILE A 319 -9.16 22.48 19.22
C ILE A 319 -9.11 22.05 17.77
N LEU A 320 -7.92 22.08 17.16
CA LEU A 320 -7.80 21.66 15.76
C LEU A 320 -8.16 20.19 15.59
N GLN A 321 -7.76 19.34 16.55
CA GLN A 321 -8.14 17.94 16.48
C GLN A 321 -9.65 17.80 16.51
N ALA A 322 -10.32 18.55 17.38
CA ALA A 322 -11.78 18.53 17.42
C ALA A 322 -12.39 19.06 16.13
N ALA A 323 -11.67 19.93 15.42
CA ALA A 323 -12.16 20.52 14.18
C ALA A 323 -11.81 19.70 12.96
N LEU A 324 -11.16 18.54 13.12
CA LEU A 324 -10.80 17.72 11.98
C LEU A 324 -12.05 17.10 11.36
N PRO A 325 -11.97 16.68 10.10
CA PRO A 325 -13.13 16.06 9.46
C PRO A 325 -13.56 14.77 10.17
N GLN A 326 -14.78 14.35 9.86
CA GLN A 326 -15.37 13.21 10.55
C GLN A 326 -14.61 11.92 10.25
N GLY A 327 -14.65 11.00 11.21
CA GLY A 327 -13.96 9.73 11.06
C GLY A 327 -14.70 8.75 10.19
N VAL A 328 -14.06 7.62 9.93
CA VAL A 328 -14.58 6.61 9.02
C VAL A 328 -15.19 5.43 9.76
N VAL A 329 -14.59 5.03 10.88
CA VAL A 329 -15.06 3.88 11.65
C VAL A 329 -16.53 4.05 11.99
N PRO A 330 -16.97 5.24 12.42
CA PRO A 330 -18.41 5.43 12.65
C PRO A 330 -19.25 5.13 11.42
N PHE A 331 -18.76 5.49 10.23
CA PHE A 331 -19.48 5.14 9.01
C PHE A 331 -19.53 3.63 8.82
N VAL A 332 -18.44 2.93 9.15
CA VAL A 332 -18.45 1.48 9.04
C VAL A 332 -19.50 0.88 9.96
N PHE A 333 -19.57 1.37 11.20
CA PHE A 333 -20.58 0.87 12.12
C PHE A 333 -21.99 1.18 11.63
N ALA A 334 -22.19 2.39 11.09
CA ALA A 334 -23.52 2.74 10.58
C ALA A 334 -23.92 1.84 9.43
N LYS A 335 -22.98 1.56 8.51
CA LYS A 335 -23.27 0.69 7.38
C LYS A 335 -23.58 -0.73 7.86
N GLU A 336 -22.79 -1.24 8.82
CA GLU A 336 -22.99 -2.61 9.28
C GLU A 336 -24.32 -2.75 10.01
N TYR A 337 -24.62 -1.82 10.92
CA TYR A 337 -25.84 -1.87 11.70
C TYR A 337 -26.99 -1.08 11.09
N ASN A 338 -26.76 -0.42 9.95
CA ASN A 338 -27.80 0.32 9.24
C ASN A 338 -28.42 1.38 10.15
N LEU A 339 -27.59 2.33 10.58
CA LEU A 339 -28.01 3.44 11.42
C LEU A 339 -27.67 4.73 10.69
N HIS A 340 -28.59 5.18 9.84
CA HIS A 340 -28.42 6.40 9.06
C HIS A 340 -27.08 6.43 8.31
N PRO A 341 -26.84 5.46 7.43
CA PRO A 341 -25.60 5.49 6.66
C PRO A 341 -25.46 6.74 5.79
N GLU A 342 -26.56 7.24 5.25
CA GLU A 342 -26.49 8.35 4.30
C GLU A 342 -25.93 9.61 4.96
N ILE A 343 -26.46 9.97 6.14
CA ILE A 343 -26.05 11.21 6.79
C ILE A 343 -24.58 11.15 7.17
N ILE A 344 -24.17 10.03 7.77
CA ILE A 344 -22.78 9.88 8.19
C ILE A 344 -21.84 9.89 6.98
N SER A 345 -22.22 9.20 5.90
CA SER A 345 -21.38 9.18 4.71
C SER A 345 -21.26 10.57 4.10
N THR A 346 -22.37 11.31 4.02
CA THR A 346 -22.31 12.67 3.51
C THR A 346 -21.40 13.54 4.36
N GLY A 347 -21.53 13.44 5.68
CA GLY A 347 -20.67 14.21 6.56
C GLY A 347 -19.20 13.88 6.34
N VAL A 348 -18.88 12.58 6.28
CA VAL A 348 -17.49 12.17 6.09
C VAL A 348 -16.94 12.73 4.79
N ILE A 349 -17.67 12.54 3.69
CA ILE A 349 -17.17 12.92 2.38
C ILE A 349 -16.99 14.43 2.31
N PHE A 350 -18.01 15.19 2.74
CA PHE A 350 -17.94 16.64 2.59
C PHE A 350 -16.90 17.24 3.55
N GLY A 351 -16.71 16.61 4.72
CA GLY A 351 -15.63 17.06 5.59
C GLY A 351 -14.27 16.80 5.00
N MET A 352 -14.08 15.62 4.39
CA MET A 352 -12.81 15.34 3.72
C MET A 352 -12.55 16.35 2.60
N LEU A 353 -13.58 16.65 1.80
CA LEU A 353 -13.40 17.63 0.73
C LEU A 353 -13.12 19.03 1.28
N ILE A 354 -13.80 19.40 2.37
CA ILE A 354 -13.67 20.73 2.94
C ILE A 354 -12.77 20.74 4.17
N ALA A 355 -11.85 19.76 4.28
CA ALA A 355 -10.99 19.68 5.45
C ALA A 355 -10.12 20.93 5.59
N LEU A 356 -9.40 21.29 4.52
CA LEU A 356 -8.47 22.42 4.61
C LEU A 356 -9.19 23.73 4.86
N PRO A 357 -10.25 24.10 4.13
CA PRO A 357 -10.89 25.40 4.34
C PRO A 357 -11.32 25.64 5.77
N THR A 358 -11.50 24.56 6.55
CA THR A 358 -11.88 24.65 7.94
C THR A 358 -10.69 24.54 8.89
N THR A 359 -9.76 23.62 8.63
CA THR A 359 -8.58 23.50 9.50
C THR A 359 -7.74 24.77 9.45
N LEU A 360 -7.51 25.30 8.25
CA LEU A 360 -6.76 26.56 8.14
C LEU A 360 -7.51 27.70 8.80
N ALA A 361 -8.84 27.72 8.67
CA ALA A 361 -9.63 28.76 9.32
C ALA A 361 -9.46 28.70 10.84
N TYR A 362 -9.52 27.50 11.41
CA TYR A 362 -9.35 27.37 12.85
C TYR A 362 -7.92 27.72 13.26
N TYR A 363 -6.93 27.34 12.46
CA TYR A 363 -5.55 27.72 12.75
C TYR A 363 -5.39 29.23 12.78
N PHE A 364 -5.98 29.93 11.82
CA PHE A 364 -5.93 31.39 11.82
C PHE A 364 -6.68 31.96 13.02
N LEU A 365 -7.84 31.40 13.35
CA LEU A 365 -8.65 31.93 14.44
C LEU A 365 -7.94 31.80 15.78
N LEU A 366 -7.34 30.64 16.04
CA LEU A 366 -6.73 30.39 17.34
C LEU A 366 -5.42 31.16 17.54
N ASP A 367 -4.89 31.80 16.50
CA ASP A 367 -3.63 32.53 16.59
C ASP A 367 -3.86 34.04 16.76
N LEU A 368 -4.93 34.42 17.46
CA LEU A 368 -5.23 35.83 17.69
C LEU A 368 -5.12 36.15 19.17
N MET B 1 37.08 -10.73 2.15
CA MET B 1 35.65 -11.11 2.28
C MET B 1 35.45 -12.60 2.02
N GLY B 2 35.39 -13.37 3.11
CA GLY B 2 35.18 -14.80 3.04
C GLY B 2 33.74 -15.25 3.15
N ILE B 3 32.79 -14.33 3.09
CA ILE B 3 31.37 -14.66 3.23
C ILE B 3 31.16 -15.30 4.59
N SER B 4 31.46 -14.57 5.65
CA SER B 4 31.24 -15.06 7.00
C SER B 4 29.74 -15.12 7.29
N TRP B 5 29.40 -15.81 8.39
CA TRP B 5 27.99 -15.95 8.76
C TRP B 5 27.33 -14.60 9.00
N LEU B 6 28.10 -13.57 9.32
CA LEU B 6 27.51 -12.25 9.54
C LEU B 6 26.86 -11.72 8.27
N ASP B 7 27.52 -11.89 7.12
CA ASP B 7 26.96 -11.40 5.87
C ASP B 7 25.69 -12.17 5.50
N ILE B 8 25.70 -13.49 5.69
CA ILE B 8 24.50 -14.28 5.41
C ILE B 8 23.38 -13.87 6.33
N TYR B 9 23.69 -13.60 7.60
CA TYR B 9 22.67 -13.13 8.53
C TYR B 9 22.11 -11.78 8.09
N HIS B 10 22.97 -10.89 7.61
CA HIS B 10 22.49 -9.59 7.13
C HIS B 10 21.56 -9.76 5.93
N VAL B 11 21.93 -10.64 4.99
CA VAL B 11 21.06 -10.88 3.84
C VAL B 11 19.74 -11.46 4.28
N VAL B 12 19.76 -12.41 5.22
CA VAL B 12 18.53 -13.01 5.71
C VAL B 12 17.65 -11.96 6.39
N SER B 13 18.27 -11.08 7.17
CA SER B 13 17.51 -10.02 7.83
C SER B 13 16.92 -9.04 6.83
N ALA B 14 17.62 -8.79 5.73
CA ALA B 14 17.09 -7.90 4.71
C ALA B 14 15.96 -8.55 3.91
N THR B 15 16.00 -9.88 3.77
CA THR B 15 15.00 -10.59 2.97
C THR B 15 13.78 -11.02 3.77
N VAL B 16 13.91 -11.20 5.09
CA VAL B 16 12.77 -11.65 5.89
C VAL B 16 11.59 -10.71 5.80
N PRO B 17 11.76 -9.37 5.83
CA PRO B 17 10.58 -8.50 5.77
C PRO B 17 9.70 -8.75 4.56
N LEU B 18 10.29 -8.96 3.38
CA LEU B 18 9.51 -9.16 2.18
C LEU B 18 9.00 -10.59 2.04
N TYR B 19 9.39 -11.49 2.94
CA TYR B 19 8.77 -12.81 3.04
C TYR B 19 7.64 -12.85 4.06
N VAL B 20 7.75 -12.10 5.15
CA VAL B 20 6.65 -12.01 6.10
C VAL B 20 5.57 -11.05 5.61
N SER B 21 5.89 -10.17 4.67
CA SER B 21 4.86 -9.39 3.99
C SER B 21 4.14 -10.18 2.92
N MET B 22 4.63 -11.38 2.58
CA MET B 22 4.00 -12.27 1.62
C MET B 22 3.25 -13.42 2.30
N THR B 23 3.81 -13.96 3.37
CA THR B 23 3.09 -14.98 4.13
C THR B 23 1.78 -14.44 4.68
N LEU B 24 1.73 -13.14 4.99
CA LEU B 24 0.49 -12.53 5.45
C LEU B 24 -0.59 -12.64 4.38
N GLY B 25 -0.25 -12.27 3.15
CA GLY B 25 -1.20 -12.39 2.06
C GLY B 25 -1.60 -13.83 1.79
N PHE B 26 -0.62 -14.74 1.85
CA PHE B 26 -0.93 -16.15 1.62
C PHE B 26 -1.93 -16.65 2.65
N LEU B 27 -1.69 -16.35 3.93
CA LEU B 27 -2.62 -16.78 4.97
C LEU B 27 -3.98 -16.12 4.81
N SER B 28 -4.00 -14.83 4.47
CA SER B 28 -5.26 -14.12 4.32
C SER B 28 -6.10 -14.71 3.19
N ALA B 29 -5.46 -15.11 2.09
CA ALA B 29 -6.19 -15.65 0.95
C ALA B 29 -6.51 -17.13 1.08
N ARG B 30 -5.75 -17.88 1.87
CA ARG B 30 -5.95 -19.33 1.96
C ARG B 30 -6.46 -19.78 3.31
N HIS B 31 -5.79 -19.43 4.40
CA HIS B 31 -6.14 -19.93 5.72
C HIS B 31 -7.22 -19.07 6.38
N LEU B 32 -6.93 -17.79 6.57
CA LEU B 32 -7.90 -16.91 7.23
C LEU B 32 -9.16 -16.71 6.39
N LYS B 33 -9.11 -17.01 5.09
CA LYS B 33 -10.25 -16.85 4.20
C LYS B 33 -10.81 -15.42 4.30
N LEU B 34 -9.92 -14.46 4.11
CA LEU B 34 -10.26 -13.06 4.26
C LEU B 34 -10.83 -12.43 2.99
N PHE B 35 -10.29 -12.80 1.83
CA PHE B 35 -10.65 -12.17 0.57
C PHE B 35 -11.34 -13.16 -0.36
N SER B 36 -12.39 -12.69 -1.02
CA SER B 36 -13.03 -13.46 -2.09
C SER B 36 -12.18 -13.41 -3.35
N PRO B 37 -12.35 -14.37 -4.26
CA PRO B 37 -11.52 -14.36 -5.47
C PRO B 37 -11.62 -13.05 -6.25
N GLU B 38 -12.82 -12.49 -6.36
CA GLU B 38 -12.95 -11.17 -6.99
C GLU B 38 -12.27 -10.10 -6.16
N GLN B 39 -12.42 -10.15 -4.83
CA GLN B 39 -11.74 -9.20 -3.97
C GLN B 39 -10.23 -9.35 -4.08
N CYS B 40 -9.74 -10.59 -4.16
CA CYS B 40 -8.31 -10.81 -4.36
C CYS B 40 -7.86 -10.22 -5.68
N ALA B 41 -8.65 -10.40 -6.74
CA ALA B 41 -8.30 -9.80 -8.03
C ALA B 41 -8.29 -8.28 -7.94
N GLY B 42 -9.14 -7.70 -7.09
CA GLY B 42 -9.13 -6.26 -6.92
C GLY B 42 -7.82 -5.75 -6.37
N ILE B 43 -7.27 -6.42 -5.36
CA ILE B 43 -5.96 -6.04 -4.83
C ILE B 43 -4.89 -6.27 -5.88
N ASN B 44 -4.94 -7.41 -6.58
CA ASN B 44 -3.96 -7.69 -7.61
C ASN B 44 -4.05 -6.68 -8.75
N LYS B 45 -5.25 -6.17 -9.03
CA LYS B 45 -5.38 -5.17 -10.08
C LYS B 45 -4.86 -3.81 -9.63
N PHE B 46 -5.16 -3.41 -8.39
CA PHE B 46 -4.69 -2.10 -7.93
C PHE B 46 -3.18 -2.04 -7.88
N VAL B 47 -2.54 -3.08 -7.36
CA VAL B 47 -1.09 -3.04 -7.16
C VAL B 47 -0.38 -2.89 -8.50
N ALA B 48 -0.72 -3.76 -9.47
CA ALA B 48 -0.03 -3.78 -10.75
C ALA B 48 -0.25 -2.52 -11.57
N LYS B 49 -1.22 -1.68 -11.19
CA LYS B 49 -1.52 -0.46 -11.93
C LYS B 49 -1.19 0.80 -11.17
N PHE B 50 -0.90 0.72 -9.87
CA PHE B 50 -0.63 1.91 -9.08
C PHE B 50 0.70 1.85 -8.34
N SER B 51 1.08 0.69 -7.80
CA SER B 51 2.32 0.60 -7.03
C SER B 51 3.50 0.22 -7.92
N ILE B 52 3.32 -0.79 -8.78
CA ILE B 52 4.39 -1.16 -9.70
C ILE B 52 4.76 -0.01 -10.62
N PRO B 53 3.82 0.72 -11.22
CA PRO B 53 4.23 1.89 -12.03
C PRO B 53 4.90 2.97 -11.22
N LEU B 54 4.29 3.37 -10.10
CA LEU B 54 4.89 4.42 -9.27
C LEU B 54 6.22 3.97 -8.68
N LEU B 55 6.29 2.72 -8.23
CA LEU B 55 7.56 2.22 -7.72
C LEU B 55 8.63 2.20 -8.80
N SER B 56 8.25 1.80 -10.02
CA SER B 56 9.21 1.81 -11.13
C SER B 56 9.70 3.22 -11.41
N PHE B 57 8.78 4.19 -11.41
CA PHE B 57 9.19 5.57 -11.64
C PHE B 57 10.13 6.05 -10.55
N GLN B 58 9.80 5.78 -9.29
CA GLN B 58 10.62 6.23 -8.18
C GLN B 58 11.97 5.54 -8.16
N ILE B 59 12.08 4.35 -8.74
CA ILE B 59 13.35 3.64 -8.77
C ILE B 59 14.19 4.04 -9.99
N ILE B 60 13.56 4.38 -11.11
CA ILE B 60 14.30 4.69 -12.33
C ILE B 60 14.60 6.18 -12.46
N SER B 61 13.87 7.04 -11.76
CA SER B 61 14.11 8.48 -11.84
C SER B 61 15.34 8.92 -11.06
N GLU B 62 15.94 8.04 -10.26
CA GLU B 62 17.09 8.37 -9.43
C GLU B 62 18.39 7.80 -9.98
N ASN B 63 18.53 7.79 -11.31
CA ASN B 63 19.73 7.26 -11.94
C ASN B 63 20.10 8.15 -13.13
N ASN B 64 21.35 8.57 -13.18
CA ASN B 64 21.84 9.33 -14.32
C ASN B 64 21.85 8.44 -15.54
N PRO B 65 20.94 8.63 -16.51
CA PRO B 65 20.94 7.72 -17.68
C PRO B 65 22.24 7.72 -18.43
N PHE B 66 22.98 8.84 -18.43
CA PHE B 66 24.26 8.89 -19.12
C PHE B 66 25.31 8.04 -18.44
N LYS B 67 25.10 7.65 -17.19
CA LYS B 67 26.03 6.78 -16.47
C LYS B 67 25.76 5.30 -16.73
N MET B 68 24.71 4.95 -17.46
CA MET B 68 24.43 3.56 -17.76
C MET B 68 25.62 2.93 -18.48
N SER B 69 26.02 1.75 -18.02
CA SER B 69 27.19 1.09 -18.58
C SER B 69 26.81 0.39 -19.89
N PRO B 70 27.38 0.78 -21.03
CA PRO B 70 27.06 0.06 -22.27
C PRO B 70 27.46 -1.40 -22.22
N LYS B 71 28.50 -1.74 -21.46
CA LYS B 71 28.92 -3.13 -21.38
C LYS B 71 27.84 -4.00 -20.78
N LEU B 72 27.16 -3.53 -19.73
CA LEU B 72 26.09 -4.31 -19.12
C LEU B 72 24.93 -4.50 -20.09
N ILE B 73 24.58 -3.45 -20.84
CA ILE B 73 23.50 -3.57 -21.82
C ILE B 73 23.86 -4.60 -22.88
N LEU B 74 25.10 -4.53 -23.39
CA LEU B 74 25.53 -5.49 -24.40
C LEU B 74 25.56 -6.90 -23.86
N SER B 75 25.95 -7.05 -22.59
CA SER B 75 25.93 -8.37 -21.96
C SER B 75 24.51 -8.91 -21.87
N ASP B 76 23.56 -8.04 -21.52
CA ASP B 76 22.16 -8.48 -21.49
C ASP B 76 21.69 -8.92 -22.88
N ILE B 77 22.02 -8.14 -23.91
CA ILE B 77 21.66 -8.51 -25.27
C ILE B 77 22.25 -9.87 -25.62
N LEU B 78 23.53 -10.06 -25.32
CA LEU B 78 24.19 -11.31 -25.67
C LEU B 78 23.59 -12.49 -24.92
N GLN B 79 23.25 -12.30 -23.64
CA GLN B 79 22.62 -13.38 -22.88
C GLN B 79 21.27 -13.75 -23.48
N LYS B 80 20.44 -12.76 -23.78
CA LYS B 80 19.10 -13.03 -24.28
C LYS B 80 19.08 -13.41 -25.75
N PHE B 81 20.22 -13.32 -26.44
CA PHE B 81 20.39 -13.95 -27.74
C PHE B 81 20.90 -15.39 -27.65
N LEU B 82 21.88 -15.64 -26.77
CA LEU B 82 22.38 -17.00 -26.58
C LEU B 82 21.30 -17.91 -26.05
N VAL B 83 20.46 -17.41 -25.12
CA VAL B 83 19.38 -18.22 -24.61
C VAL B 83 18.42 -18.60 -25.73
N VAL B 84 18.12 -17.66 -26.62
CA VAL B 84 17.25 -17.96 -27.75
C VAL B 84 17.87 -19.03 -28.64
N VAL B 85 19.18 -18.90 -28.90
CA VAL B 85 19.85 -19.88 -29.75
C VAL B 85 19.78 -21.27 -29.12
N VAL B 86 20.08 -21.36 -27.82
CA VAL B 86 20.08 -22.66 -27.16
C VAL B 86 18.67 -23.24 -27.12
N LEU B 87 17.66 -22.41 -26.88
CA LEU B 87 16.29 -22.90 -26.87
C LEU B 87 15.89 -23.43 -28.24
N ALA B 88 16.27 -22.71 -29.31
CA ALA B 88 15.96 -23.18 -30.65
C ALA B 88 16.67 -24.50 -30.94
N MET B 89 17.93 -24.63 -30.53
CA MET B 89 18.66 -25.87 -30.77
C MET B 89 18.05 -27.04 -30.02
N VAL B 90 17.73 -26.85 -28.74
CA VAL B 90 17.21 -27.95 -27.94
C VAL B 90 15.82 -28.35 -28.42
N LEU B 91 14.97 -27.38 -28.76
CA LEU B 91 13.64 -27.71 -29.24
C LEU B 91 13.66 -28.47 -30.55
N ARG B 92 14.77 -28.41 -31.28
CA ARG B 92 14.87 -29.15 -32.54
C ARG B 92 15.09 -30.64 -32.33
N PHE B 93 15.54 -31.05 -31.14
CA PHE B 93 15.85 -32.44 -30.88
C PHE B 93 15.00 -33.07 -29.78
N TRP B 94 14.28 -32.27 -29.00
CA TRP B 94 13.51 -32.80 -27.87
C TRP B 94 12.31 -31.90 -27.64
N HIS B 95 11.13 -32.36 -28.07
CA HIS B 95 9.90 -31.63 -27.78
C HIS B 95 9.50 -31.88 -26.32
N PRO B 96 9.29 -30.82 -25.52
CA PRO B 96 9.02 -31.05 -24.09
C PRO B 96 7.83 -31.97 -23.83
N THR B 97 6.76 -31.85 -24.62
CA THR B 97 5.55 -32.63 -24.41
C THR B 97 5.39 -33.77 -25.38
N GLY B 98 6.32 -33.94 -26.32
CA GLY B 98 6.22 -35.01 -27.30
C GLY B 98 5.32 -34.65 -28.46
N GLY B 99 4.03 -34.47 -28.18
CA GLY B 99 3.09 -34.07 -29.21
C GLY B 99 3.49 -32.75 -29.85
N ARG B 100 3.53 -32.73 -31.19
CA ARG B 100 4.01 -31.54 -31.89
C ARG B 100 3.11 -30.35 -31.60
N GLY B 101 3.73 -29.19 -31.41
CA GLY B 101 3.01 -27.95 -31.19
C GLY B 101 3.82 -26.80 -31.74
N GLY B 102 3.28 -25.59 -31.59
CA GLY B 102 3.97 -24.41 -32.07
C GLY B 102 5.32 -24.24 -31.43
N LYS B 103 6.38 -24.22 -32.24
CA LYS B 103 7.72 -24.04 -31.70
C LYS B 103 7.85 -22.68 -31.03
N LEU B 104 7.30 -21.64 -31.64
CA LEU B 104 7.35 -20.31 -31.03
C LEU B 104 6.67 -20.29 -29.68
N GLY B 105 5.65 -21.13 -29.48
CA GLY B 105 5.04 -21.22 -28.17
C GLY B 105 6.02 -21.67 -27.11
N TRP B 106 6.81 -22.71 -27.41
CA TRP B 106 7.81 -23.21 -26.48
C TRP B 106 9.05 -22.33 -26.39
N VAL B 107 9.27 -21.46 -27.38
CA VAL B 107 10.34 -20.47 -27.29
C VAL B 107 9.89 -19.21 -26.57
N ILE B 108 8.59 -19.02 -26.39
CA ILE B 108 8.07 -17.86 -25.65
C ILE B 108 7.81 -18.24 -24.21
N THR B 109 7.37 -19.48 -23.96
CA THR B 109 7.37 -19.96 -22.59
C THR B 109 8.79 -20.03 -22.06
N GLY B 110 9.74 -20.43 -22.91
CA GLY B 110 11.12 -20.08 -22.70
C GLY B 110 11.35 -18.62 -23.02
N LEU B 111 12.42 -18.06 -22.47
CA LEU B 111 12.70 -16.63 -22.42
C LEU B 111 11.83 -15.95 -21.39
N SER B 112 10.86 -16.65 -20.82
CA SER B 112 10.09 -16.20 -19.66
C SER B 112 10.44 -16.99 -18.41
N ILE B 113 10.94 -18.22 -18.56
CA ILE B 113 11.40 -19.04 -17.45
C ILE B 113 12.91 -18.96 -17.28
N SER B 114 13.63 -18.31 -18.20
CA SER B 114 15.09 -18.35 -18.21
C SER B 114 15.71 -16.98 -17.97
N VAL B 115 15.33 -15.96 -18.75
CA VAL B 115 16.08 -14.70 -18.77
C VAL B 115 15.20 -13.50 -18.49
N LEU B 116 14.13 -13.69 -17.72
CA LEU B 116 13.27 -12.59 -17.26
C LEU B 116 13.02 -12.72 -15.77
N PRO B 117 14.03 -12.42 -14.95
CA PRO B 117 13.85 -12.54 -13.51
C PRO B 117 13.06 -11.37 -12.94
N ASN B 118 12.71 -11.50 -11.66
CA ASN B 118 12.03 -10.44 -10.92
C ASN B 118 13.09 -9.47 -10.39
N THR B 119 13.12 -8.26 -10.93
CA THR B 119 14.16 -7.29 -10.62
C THR B 119 13.62 -5.99 -10.06
N LEU B 120 12.35 -5.95 -9.65
CA LEU B 120 11.77 -4.76 -9.03
C LEU B 120 11.39 -5.01 -7.57
N ILE B 121 10.57 -6.03 -7.30
CA ILE B 121 10.02 -6.24 -5.98
C ILE B 121 10.91 -7.19 -5.19
N LEU B 122 11.05 -8.42 -5.69
CA LEU B 122 11.75 -9.47 -4.97
C LEU B 122 13.24 -9.52 -5.31
N GLY B 123 13.71 -8.72 -6.27
CA GLY B 123 15.09 -8.77 -6.70
C GLY B 123 15.91 -7.58 -6.27
N MET B 124 15.26 -6.46 -5.95
CA MET B 124 15.99 -5.25 -5.57
C MET B 124 16.50 -5.36 -4.14
N PRO B 125 15.64 -5.66 -3.15
CA PRO B 125 16.14 -5.71 -1.77
C PRO B 125 17.24 -6.75 -1.57
N ILE B 126 17.10 -7.93 -2.18
CA ILE B 126 18.06 -8.99 -1.95
C ILE B 126 19.44 -8.60 -2.46
N LEU B 127 19.49 -8.13 -3.72
CA LEU B 127 20.77 -7.74 -4.29
C LEU B 127 21.36 -6.52 -3.59
N SER B 128 20.50 -5.57 -3.22
CA SER B 128 20.99 -4.39 -2.50
C SER B 128 21.63 -4.80 -1.17
N ALA B 129 21.00 -5.71 -0.45
CA ALA B 129 21.58 -6.18 0.81
C ALA B 129 22.87 -6.95 0.57
N ILE B 130 22.89 -7.80 -0.45
CA ILE B 130 24.06 -8.65 -0.68
C ILE B 130 25.27 -7.81 -1.08
N TYR B 131 25.08 -6.84 -1.98
CA TYR B 131 26.19 -6.04 -2.50
C TYR B 131 26.04 -4.56 -2.17
N GLY B 132 25.30 -4.23 -1.12
CA GLY B 132 25.17 -2.83 -0.75
C GLY B 132 24.42 -2.03 -1.79
N ASP B 133 24.67 -0.72 -1.78
CA ASP B 133 24.02 0.19 -2.72
C ASP B 133 24.67 0.21 -4.10
N GLU B 134 25.88 -0.36 -4.23
CA GLU B 134 26.51 -0.39 -5.55
C GLU B 134 25.70 -1.21 -6.54
N ALA B 135 25.20 -2.37 -6.11
CA ALA B 135 24.41 -3.22 -6.98
C ALA B 135 22.99 -2.69 -7.19
N ALA B 136 22.49 -1.87 -6.27
CA ALA B 136 21.16 -1.29 -6.42
C ALA B 136 21.09 -0.32 -7.60
N SER B 137 22.23 0.21 -8.03
CA SER B 137 22.28 1.09 -9.19
C SER B 137 22.58 0.35 -10.48
N ILE B 138 22.79 -0.96 -10.42
CA ILE B 138 23.00 -1.77 -11.61
C ILE B 138 21.72 -2.46 -12.04
N LEU B 139 21.00 -3.08 -11.10
CA LEU B 139 19.66 -3.57 -11.41
C LEU B 139 18.78 -2.45 -11.94
N GLU B 140 19.01 -1.22 -11.48
CA GLU B 140 18.25 -0.09 -11.96
C GLU B 140 18.49 0.16 -13.44
N GLN B 141 19.56 -0.41 -14.00
CA GLN B 141 19.81 -0.35 -15.44
C GLN B 141 19.21 -1.53 -16.18
N ILE B 142 19.18 -2.71 -15.56
CA ILE B 142 18.56 -3.87 -16.19
C ILE B 142 17.05 -3.86 -16.09
N VAL B 143 16.50 -3.24 -15.03
CA VAL B 143 15.06 -3.11 -14.93
C VAL B 143 14.52 -2.26 -16.08
N VAL B 144 15.26 -1.21 -16.47
CA VAL B 144 14.83 -0.37 -17.57
C VAL B 144 14.74 -1.18 -18.85
N LEU B 145 15.76 -2.00 -19.12
CA LEU B 145 15.70 -2.87 -20.29
C LEU B 145 14.53 -3.82 -20.21
N GLN B 146 14.39 -4.53 -19.08
CA GLN B 146 13.33 -5.51 -18.95
C GLN B 146 11.95 -4.89 -19.11
N SER B 147 11.80 -3.62 -18.76
CA SER B 147 10.50 -2.96 -18.86
C SER B 147 10.25 -2.35 -20.22
N LEU B 148 11.29 -1.90 -20.93
CA LEU B 148 11.12 -1.20 -22.20
C LEU B 148 11.36 -2.11 -23.41
N ILE B 149 12.54 -2.72 -23.49
CA ILE B 149 12.94 -3.39 -24.72
C ILE B 149 12.54 -4.86 -24.73
N TRP B 150 12.56 -5.53 -23.58
CA TRP B 150 12.30 -6.97 -23.53
C TRP B 150 10.82 -7.30 -23.37
N TYR B 151 10.10 -6.60 -22.50
CA TYR B 151 8.69 -6.89 -22.33
C TYR B 151 7.87 -6.47 -23.54
N THR B 152 8.25 -5.39 -24.22
CA THR B 152 7.56 -5.03 -25.46
C THR B 152 7.75 -6.11 -26.52
N ILE B 153 8.98 -6.63 -26.64
CA ILE B 153 9.23 -7.70 -27.60
C ILE B 153 8.45 -8.95 -27.22
N LEU B 154 8.41 -9.27 -25.91
CA LEU B 154 7.64 -10.42 -25.47
C LEU B 154 6.16 -10.27 -25.77
N LEU B 155 5.62 -9.06 -25.57
CA LEU B 155 4.22 -8.82 -25.90
C LEU B 155 3.97 -8.97 -27.39
N PHE B 156 4.87 -8.43 -28.23
CA PHE B 156 4.71 -8.60 -29.67
C PHE B 156 4.74 -10.06 -30.07
N LEU B 157 5.66 -10.84 -29.48
CA LEU B 157 5.74 -12.25 -29.81
C LEU B 157 4.51 -13.00 -29.31
N PHE B 158 3.98 -12.63 -28.16
CA PHE B 158 2.75 -13.24 -27.67
C PHE B 158 1.59 -12.98 -28.62
N GLU B 159 1.48 -11.74 -29.11
CA GLU B 159 0.44 -11.43 -30.09
C GLU B 159 0.64 -12.23 -31.36
N LEU B 160 1.88 -12.35 -31.82
CA LEU B 160 2.16 -13.13 -33.03
C LEU B 160 1.76 -14.59 -32.82
N ASN B 161 2.07 -15.16 -31.66
CA ASN B 161 1.70 -16.54 -31.39
C ASN B 161 0.19 -16.70 -31.34
N ALA B 162 -0.51 -15.75 -30.69
CA ALA B 162 -1.96 -15.84 -30.61
C ALA B 162 -2.59 -15.79 -32.00
N ALA B 163 -2.06 -14.93 -32.87
CA ALA B 163 -2.61 -14.84 -34.22
C ALA B 163 -2.31 -16.09 -35.02
N ARG B 164 -1.06 -16.55 -35.00
CA ARG B 164 -0.68 -17.71 -35.80
C ARG B 164 -1.41 -18.97 -35.35
N ALA B 165 -1.51 -19.18 -34.04
CA ALA B 165 -2.15 -20.38 -33.50
C ALA B 165 -3.61 -20.44 -33.94
N GLY B 207 -1.61 -10.51 -41.14
CA GLY B 207 -0.52 -9.65 -41.59
C GLY B 207 0.38 -9.21 -40.47
N THR B 208 1.69 -9.14 -40.75
CA THR B 208 2.65 -8.74 -39.73
C THR B 208 2.38 -7.32 -39.24
N MET B 209 2.04 -6.42 -40.16
CA MET B 209 1.74 -5.04 -39.76
C MET B 209 0.55 -5.00 -38.80
N LYS B 210 -0.47 -5.81 -39.07
CA LYS B 210 -1.63 -5.85 -38.17
C LYS B 210 -1.22 -6.34 -36.79
N ILE B 211 -0.35 -7.35 -36.72
CA ILE B 211 0.10 -7.84 -35.42
C ILE B 211 0.88 -6.77 -34.69
N LEU B 212 1.76 -6.06 -35.40
CA LEU B 212 2.52 -4.99 -34.77
C LEU B 212 1.59 -3.91 -34.24
N LEU B 213 0.55 -3.56 -35.02
CA LEU B 213 -0.40 -2.55 -34.59
C LEU B 213 -1.17 -3.01 -33.35
N LYS B 214 -1.57 -4.29 -33.32
CA LYS B 214 -2.26 -4.81 -32.15
C LYS B 214 -1.37 -4.77 -30.92
N ALA B 215 -0.09 -5.15 -31.08
CA ALA B 215 0.85 -5.08 -29.97
C ALA B 215 1.02 -3.63 -29.50
N TRP B 216 1.07 -2.69 -30.44
CA TRP B 216 1.17 -1.29 -30.06
C TRP B 216 -0.04 -0.84 -29.26
N ARG B 217 -1.24 -1.23 -29.69
CA ARG B 217 -2.44 -0.88 -28.93
C ARG B 217 -2.38 -1.47 -27.53
N LYS B 218 -1.96 -2.73 -27.40
CA LYS B 218 -1.87 -3.34 -26.08
C LYS B 218 -0.84 -2.60 -25.22
N LEU B 219 0.28 -2.20 -25.82
CA LEU B 219 1.33 -1.54 -25.06
C LEU B 219 0.90 -0.17 -24.57
N ILE B 220 0.15 0.57 -25.41
CA ILE B 220 -0.22 1.94 -25.04
C ILE B 220 -1.01 1.98 -23.75
N ILE B 221 -1.72 0.91 -23.42
CA ILE B 221 -2.55 0.86 -22.21
C ILE B 221 -1.79 0.23 -21.04
N ASN B 222 -0.47 0.11 -21.14
CA ASN B 222 0.33 -0.48 -20.07
C ASN B 222 0.83 0.62 -19.14
N PRO B 223 0.40 0.65 -17.88
CA PRO B 223 0.94 1.69 -16.97
C PRO B 223 2.44 1.60 -16.76
N ASN B 224 3.01 0.39 -16.75
CA ASN B 224 4.42 0.25 -16.42
C ASN B 224 5.32 0.87 -17.48
N THR B 225 4.99 0.69 -18.76
CA THR B 225 5.82 1.27 -19.81
C THR B 225 5.81 2.79 -19.74
N TYR B 226 4.64 3.38 -19.51
CA TYR B 226 4.57 4.83 -19.34
C TYR B 226 5.37 5.27 -18.12
N ALA B 227 5.24 4.54 -17.02
CA ALA B 227 5.96 4.92 -15.80
C ALA B 227 7.46 4.91 -16.03
N THR B 228 7.98 3.85 -16.64
CA THR B 228 9.42 3.76 -16.84
C THR B 228 9.91 4.77 -17.88
N LEU B 229 9.13 4.99 -18.94
CA LEU B 229 9.50 5.99 -19.92
C LEU B 229 9.60 7.38 -19.29
N ILE B 230 8.57 7.76 -18.52
CA ILE B 230 8.60 9.05 -17.85
C ILE B 230 9.73 9.10 -16.84
N GLY B 231 10.02 7.97 -16.17
CA GLY B 231 11.12 7.94 -15.23
C GLY B 231 12.44 8.26 -15.88
N ILE B 232 12.73 7.63 -17.02
CA ILE B 232 14.00 7.88 -17.69
C ILE B 232 14.03 9.31 -18.26
N ILE B 233 12.91 9.77 -18.83
CA ILE B 233 12.88 11.12 -19.38
C ILE B 233 13.10 12.16 -18.30
N TRP B 234 12.54 11.94 -17.10
CA TRP B 234 12.74 12.86 -16.00
C TRP B 234 14.11 12.74 -15.37
N ALA B 235 14.68 11.54 -15.32
CA ALA B 235 16.05 11.38 -14.82
C ALA B 235 17.03 12.13 -15.71
N THR B 236 16.85 12.06 -17.02
CA THR B 236 17.71 12.81 -17.92
C THR B 236 17.72 14.29 -17.54
N LEU B 237 16.52 14.86 -17.36
CA LEU B 237 16.44 16.28 -17.00
C LEU B 237 17.05 16.55 -15.64
N HIS B 238 16.69 15.73 -14.64
CA HIS B 238 17.15 15.98 -13.28
C HIS B 238 18.67 15.88 -13.17
N PHE B 239 19.31 15.10 -14.04
CA PHE B 239 20.75 14.92 -13.97
C PHE B 239 21.52 15.80 -14.94
N ARG B 240 20.89 16.32 -15.98
CA ARG B 240 21.56 17.23 -16.91
C ARG B 240 21.23 18.69 -16.63
N LEU B 241 19.94 19.05 -16.65
CA LEU B 241 19.53 20.43 -16.43
C LEU B 241 19.47 20.78 -14.95
N GLY B 242 19.48 19.79 -14.06
CA GLY B 242 19.44 20.05 -12.64
C GLY B 242 18.06 20.25 -12.05
N TRP B 243 17.00 20.02 -12.81
CA TRP B 243 15.66 20.21 -12.29
C TRP B 243 15.38 19.23 -11.16
N ASN B 244 14.58 19.67 -10.19
CA ASN B 244 14.22 18.88 -9.03
C ASN B 244 12.71 18.82 -8.90
N LEU B 245 12.19 17.66 -8.52
CA LEU B 245 10.76 17.52 -8.35
C LEU B 245 10.28 18.44 -7.24
N PRO B 246 9.14 19.12 -7.41
CA PRO B 246 8.60 19.93 -6.32
C PRO B 246 8.26 19.06 -5.12
N GLU B 247 8.34 19.66 -3.94
CA GLU B 247 8.06 18.93 -2.70
C GLU B 247 6.70 18.24 -2.78
N MET B 248 5.68 18.96 -3.26
CA MET B 248 4.35 18.38 -3.35
C MET B 248 4.34 17.15 -4.25
N ILE B 249 4.92 17.27 -5.44
CA ILE B 249 4.90 16.15 -6.38
C ILE B 249 5.67 14.97 -5.83
N ASP B 250 6.86 15.24 -5.26
CA ASP B 250 7.68 14.15 -4.74
C ASP B 250 6.98 13.43 -3.60
N LYS B 251 6.38 14.18 -2.68
CA LYS B 251 5.69 13.55 -1.56
C LYS B 251 4.46 12.79 -2.03
N SER B 252 3.73 13.33 -3.00
CA SER B 252 2.57 12.62 -3.53
C SER B 252 2.98 11.30 -4.17
N ILE B 253 4.08 11.31 -4.93
CA ILE B 253 4.57 10.08 -5.54
C ILE B 253 5.01 9.10 -4.45
N HIS B 254 5.68 9.60 -3.41
CA HIS B 254 6.18 8.73 -2.36
C HIS B 254 5.05 8.07 -1.59
N LEU B 255 3.95 8.79 -1.37
CA LEU B 255 2.84 8.23 -0.58
C LEU B 255 2.43 6.87 -1.11
N LEU B 256 2.28 6.74 -2.42
CA LEU B 256 1.91 5.46 -3.01
C LEU B 256 3.12 4.58 -3.33
N SER B 257 4.26 5.19 -3.66
CA SER B 257 5.48 4.40 -3.88
C SER B 257 5.91 3.71 -2.59
N ASP B 258 5.86 4.42 -1.47
CA ASP B 258 6.13 3.79 -0.18
C ASP B 258 5.15 2.65 0.04
N GLY B 259 5.67 1.51 0.49
CA GLY B 259 4.86 0.32 0.64
C GLY B 259 4.57 -0.41 -0.64
N GLY B 260 5.08 0.08 -1.79
CA GLY B 260 4.88 -0.62 -3.03
C GLY B 260 5.53 -1.99 -3.02
N LEU B 261 6.73 -2.09 -2.46
CA LEU B 261 7.39 -3.39 -2.32
C LEU B 261 6.59 -4.31 -1.42
N GLY B 262 6.17 -3.81 -0.26
CA GLY B 262 5.42 -4.66 0.66
C GLY B 262 4.10 -5.12 0.10
N MET B 263 3.35 -4.22 -0.52
CA MET B 263 2.06 -4.61 -1.07
C MET B 263 2.21 -5.46 -2.31
N ALA B 264 3.28 -5.26 -3.09
CA ALA B 264 3.55 -6.15 -4.20
C ALA B 264 3.84 -7.57 -3.72
N MET B 265 4.62 -7.69 -2.65
CA MET B 265 4.86 -9.01 -2.07
C MET B 265 3.56 -9.60 -1.53
N PHE B 266 2.70 -8.76 -0.95
CA PHE B 266 1.40 -9.24 -0.47
C PHE B 266 0.57 -9.77 -1.63
N SER B 267 0.57 -9.06 -2.76
CA SER B 267 -0.18 -9.52 -3.93
C SER B 267 0.41 -10.82 -4.47
N LEU B 268 1.74 -10.94 -4.45
CA LEU B 268 2.36 -12.19 -4.88
C LEU B 268 1.96 -13.34 -3.97
N GLY B 269 1.88 -13.09 -2.66
CA GLY B 269 1.39 -14.10 -1.75
C GLY B 269 -0.06 -14.48 -2.04
N LEU B 270 -0.89 -13.49 -2.34
CA LEU B 270 -2.27 -13.78 -2.73
C LEU B 270 -2.30 -14.67 -3.97
N PHE B 271 -1.46 -14.35 -4.96
CA PHE B 271 -1.40 -15.16 -6.17
C PHE B 271 -0.97 -16.59 -5.85
N MET B 272 0.01 -16.76 -4.97
CA MET B 272 0.40 -18.11 -4.56
C MET B 272 -0.78 -18.83 -3.91
N ALA B 273 -1.50 -18.14 -3.03
CA ALA B 273 -2.64 -18.76 -2.38
C ALA B 273 -3.73 -19.13 -3.37
N SER B 274 -3.82 -18.41 -4.50
CA SER B 274 -4.84 -18.73 -5.50
C SER B 274 -4.65 -20.13 -6.07
N GLN B 275 -3.40 -20.52 -6.33
CA GLN B 275 -3.14 -21.81 -6.95
C GLN B 275 -3.44 -22.94 -5.98
N SER B 276 -4.06 -24.00 -6.51
CA SER B 276 -4.39 -25.16 -5.67
C SER B 276 -3.14 -25.82 -5.14
N SER B 277 -2.13 -26.01 -5.99
CA SER B 277 -0.89 -26.66 -5.60
C SER B 277 0.28 -25.92 -6.23
N ILE B 278 1.43 -25.98 -5.54
CA ILE B 278 2.62 -25.29 -6.03
C ILE B 278 3.09 -25.90 -7.35
N ILE B 279 3.14 -27.23 -7.40
CA ILE B 279 3.61 -27.94 -8.60
C ILE B 279 2.37 -28.21 -9.46
N ALA B 280 2.05 -27.25 -10.33
CA ALA B 280 0.82 -27.33 -11.10
C ALA B 280 0.90 -28.46 -12.14
N CYS B 281 1.99 -28.51 -12.91
CA CYS B 281 2.09 -29.45 -14.02
C CYS B 281 2.73 -30.78 -13.64
N GLY B 282 3.24 -30.91 -12.41
CA GLY B 282 3.87 -32.13 -11.96
C GLY B 282 5.37 -31.97 -11.81
N THR B 283 5.99 -33.05 -11.31
CA THR B 283 7.41 -33.01 -11.01
C THR B 283 8.25 -32.81 -12.28
N LYS B 284 7.83 -33.42 -13.39
CA LYS B 284 8.67 -33.40 -14.59
C LYS B 284 8.88 -31.98 -15.10
N MET B 285 7.83 -31.17 -15.12
CA MET B 285 7.90 -29.83 -15.68
C MET B 285 8.25 -28.76 -14.66
N ALA B 286 8.42 -29.13 -13.39
CA ALA B 286 8.89 -28.21 -12.36
C ALA B 286 10.40 -28.30 -12.14
N ILE B 287 10.94 -29.52 -12.11
CA ILE B 287 12.39 -29.67 -12.02
C ILE B 287 13.07 -29.04 -13.22
N ILE B 288 12.53 -29.28 -14.42
CA ILE B 288 13.09 -28.68 -15.62
C ILE B 288 12.96 -27.16 -15.57
N THR B 289 11.80 -26.66 -15.12
CA THR B 289 11.61 -25.22 -15.00
C THR B 289 12.68 -24.59 -14.12
N MET B 290 12.88 -25.15 -12.92
CA MET B 290 13.84 -24.59 -11.99
C MET B 290 15.27 -24.74 -12.52
N LEU B 291 15.59 -25.90 -13.09
CA LEU B 291 16.92 -26.09 -13.65
C LEU B 291 17.20 -25.03 -14.71
N LEU B 292 16.27 -24.83 -15.65
CA LEU B 292 16.42 -23.76 -16.62
C LEU B 292 16.68 -22.44 -15.91
N LYS B 293 15.72 -22.01 -15.08
CA LYS B 293 15.77 -20.65 -14.53
C LYS B 293 17.07 -20.39 -13.77
N PHE B 294 17.51 -21.35 -12.95
CA PHE B 294 18.62 -21.12 -12.04
C PHE B 294 19.94 -21.74 -12.50
N VAL B 295 20.01 -22.28 -13.73
CA VAL B 295 21.28 -22.73 -14.26
C VAL B 295 21.52 -22.10 -15.62
N LEU B 296 20.59 -22.28 -16.56
CA LEU B 296 20.80 -21.80 -17.91
C LEU B 296 20.78 -20.28 -17.99
N GLY B 297 20.11 -19.61 -17.07
CA GLY B 297 20.13 -18.17 -17.00
C GLY B 297 21.47 -17.67 -16.50
N PRO B 298 21.83 -18.04 -15.27
CA PRO B 298 23.14 -17.64 -14.75
C PRO B 298 24.30 -18.15 -15.58
N ALA B 299 24.23 -19.37 -16.11
CA ALA B 299 25.32 -19.89 -16.91
C ALA B 299 25.48 -19.10 -18.20
N LEU B 300 24.37 -18.82 -18.87
CA LEU B 300 24.44 -18.01 -20.10
C LEU B 300 24.91 -16.60 -19.80
N MET B 301 24.52 -16.04 -18.67
CA MET B 301 25.02 -14.72 -18.30
C MET B 301 26.52 -14.75 -18.03
N ILE B 302 27.01 -15.82 -17.41
CA ILE B 302 28.46 -15.97 -17.21
C ILE B 302 29.17 -16.03 -18.54
N ALA B 303 28.64 -16.82 -19.48
CA ALA B 303 29.25 -16.90 -20.81
C ALA B 303 29.24 -15.54 -21.49
N SER B 304 28.13 -14.81 -21.41
CA SER B 304 28.04 -13.50 -22.03
C SER B 304 29.02 -12.52 -21.40
N ALA B 305 29.16 -12.55 -20.07
CA ALA B 305 30.11 -11.67 -19.40
C ALA B 305 31.54 -12.00 -19.81
N TYR B 306 31.88 -13.28 -19.90
CA TYR B 306 33.22 -13.66 -20.35
C TYR B 306 33.46 -13.19 -21.77
N CYS B 307 32.46 -13.30 -22.64
CA CYS B 307 32.60 -12.81 -24.01
C CYS B 307 32.82 -11.31 -24.02
N ILE B 308 32.06 -10.57 -23.20
CA ILE B 308 32.18 -9.12 -23.14
C ILE B 308 33.28 -8.68 -22.18
N ARG B 309 33.78 -9.55 -21.32
CA ARG B 309 34.85 -9.24 -20.37
C ARG B 309 34.43 -8.11 -19.43
N LEU B 310 33.39 -8.39 -18.65
CA LEU B 310 32.92 -7.45 -17.64
C LEU B 310 33.95 -7.34 -16.52
N LYS B 311 33.65 -6.49 -15.54
CA LYS B 311 34.57 -6.17 -14.46
C LYS B 311 33.94 -6.50 -13.11
N SER B 312 34.78 -6.52 -12.09
CA SER B 312 34.29 -6.79 -10.74
C SER B 312 33.37 -5.67 -10.28
N THR B 313 32.43 -6.02 -9.41
CA THR B 313 31.33 -5.19 -8.94
C THR B 313 30.23 -5.07 -10.00
N LEU B 314 30.45 -5.58 -11.21
CA LEU B 314 29.44 -5.63 -12.26
C LEU B 314 29.22 -7.04 -12.79
N PHE B 315 30.26 -7.86 -12.83
CA PHE B 315 30.09 -9.27 -13.21
C PHE B 315 29.22 -9.99 -12.18
N LYS B 316 29.57 -9.88 -10.90
CA LYS B 316 28.83 -10.57 -9.86
C LYS B 316 27.38 -10.08 -9.79
N VAL B 317 27.18 -8.77 -9.92
CA VAL B 317 25.83 -8.22 -9.89
C VAL B 317 25.02 -8.75 -11.05
N ALA B 318 25.60 -8.81 -12.25
CA ALA B 318 24.90 -9.34 -13.40
C ALA B 318 24.53 -10.80 -13.21
N ILE B 319 25.46 -11.60 -12.68
CA ILE B 319 25.18 -13.02 -12.49
C ILE B 319 24.06 -13.21 -11.48
N LEU B 320 24.12 -12.48 -10.36
CA LEU B 320 23.06 -12.60 -9.36
C LEU B 320 21.72 -12.16 -9.92
N GLN B 321 21.71 -11.09 -10.72
CA GLN B 321 20.47 -10.67 -11.37
C GLN B 321 19.93 -11.77 -12.26
N ALA B 322 20.80 -12.42 -13.04
CA ALA B 322 20.36 -13.52 -13.87
C ALA B 322 19.86 -14.69 -13.03
N ALA B 323 20.34 -14.82 -11.80
CA ALA B 323 19.94 -15.91 -10.92
C ALA B 323 18.73 -15.56 -10.05
N LEU B 324 18.13 -14.39 -10.23
CA LEU B 324 16.99 -14.00 -9.43
C LEU B 324 15.76 -14.83 -9.82
N PRO B 325 14.76 -14.89 -8.95
CA PRO B 325 13.54 -15.63 -9.29
C PRO B 325 12.83 -15.05 -10.49
N GLN B 326 11.99 -15.89 -11.10
CA GLN B 326 11.30 -15.50 -12.33
C GLN B 326 10.35 -14.33 -12.08
N GLY B 327 10.15 -13.52 -13.13
CA GLY B 327 9.29 -12.36 -13.03
C GLY B 327 7.82 -12.70 -13.10
N VAL B 328 7.00 -11.68 -12.91
CA VAL B 328 5.55 -11.85 -12.83
C VAL B 328 4.86 -11.41 -14.12
N VAL B 329 5.36 -10.36 -14.77
CA VAL B 329 4.75 -9.84 -15.99
C VAL B 329 4.65 -10.96 -17.02
N PRO B 330 5.69 -11.78 -17.20
CA PRO B 330 5.54 -12.92 -18.13
C PRO B 330 4.39 -13.84 -17.76
N PHE B 331 4.17 -14.05 -16.46
CA PHE B 331 3.02 -14.85 -16.04
C PHE B 331 1.71 -14.16 -16.43
N VAL B 332 1.66 -12.83 -16.30
CA VAL B 332 0.45 -12.10 -16.68
C VAL B 332 0.18 -12.30 -18.16
N PHE B 333 1.23 -12.18 -18.99
CA PHE B 333 1.06 -12.39 -20.42
C PHE B 333 0.60 -13.82 -20.72
N ALA B 334 1.21 -14.80 -20.05
CA ALA B 334 0.84 -16.19 -20.29
C ALA B 334 -0.63 -16.42 -19.93
N LYS B 335 -1.08 -15.88 -18.80
CA LYS B 335 -2.47 -16.04 -18.41
C LYS B 335 -3.40 -15.35 -19.39
N GLU B 336 -3.04 -14.13 -19.83
CA GLU B 336 -3.92 -13.39 -20.74
C GLU B 336 -4.04 -14.11 -22.08
N TYR B 337 -2.92 -14.56 -22.63
CA TYR B 337 -2.90 -15.26 -23.91
C TYR B 337 -2.99 -16.76 -23.77
N ASN B 338 -3.04 -17.29 -22.54
CA ASN B 338 -3.17 -18.73 -22.30
C ASN B 338 -2.06 -19.51 -23.00
N LEU B 339 -0.83 -19.24 -22.60
CA LEU B 339 0.36 -19.91 -23.12
C LEU B 339 1.05 -20.61 -21.94
N HIS B 340 0.63 -21.84 -21.68
CA HIS B 340 1.19 -22.64 -20.59
C HIS B 340 1.21 -21.85 -19.27
N PRO B 341 0.05 -21.38 -18.80
CA PRO B 341 0.05 -20.64 -17.52
C PRO B 341 0.55 -21.48 -16.36
N GLU B 342 0.30 -22.79 -16.37
CA GLU B 342 0.70 -23.63 -15.25
C GLU B 342 2.22 -23.66 -15.09
N ILE B 343 2.94 -23.81 -16.20
CA ILE B 343 4.40 -23.91 -16.12
C ILE B 343 4.98 -22.63 -15.55
N ILE B 344 4.59 -21.48 -16.10
CA ILE B 344 5.14 -20.21 -15.65
C ILE B 344 4.73 -19.91 -14.22
N SER B 345 3.48 -20.23 -13.84
CA SER B 345 3.04 -19.98 -12.47
C SER B 345 3.84 -20.83 -11.48
N THR B 346 4.03 -22.11 -11.79
CA THR B 346 4.82 -22.96 -10.91
C THR B 346 6.25 -22.44 -10.80
N GLY B 347 6.86 -22.08 -11.93
CA GLY B 347 8.20 -21.54 -11.88
C GLY B 347 8.29 -20.30 -11.02
N VAL B 348 7.36 -19.36 -11.22
CA VAL B 348 7.37 -18.11 -10.46
C VAL B 348 7.25 -18.41 -8.96
N ILE B 349 6.27 -19.21 -8.58
CA ILE B 349 6.00 -19.44 -7.16
C ILE B 349 7.19 -20.13 -6.50
N PHE B 350 7.66 -21.23 -7.10
CA PHE B 350 8.70 -22.00 -6.43
C PHE B 350 10.03 -21.27 -6.45
N GLY B 351 10.32 -20.55 -7.54
CA GLY B 351 11.53 -19.74 -7.55
C GLY B 351 11.50 -18.63 -6.53
N MET B 352 10.34 -17.98 -6.35
CA MET B 352 10.23 -16.98 -5.31
C MET B 352 10.42 -17.59 -3.93
N LEU B 353 9.89 -18.78 -3.71
CA LEU B 353 10.07 -19.44 -2.43
C LEU B 353 11.53 -19.79 -2.18
N ILE B 354 12.24 -20.24 -3.21
CA ILE B 354 13.62 -20.72 -3.08
C ILE B 354 14.64 -19.61 -3.37
N ALA B 355 14.19 -18.38 -3.55
CA ALA B 355 15.10 -17.26 -3.81
C ALA B 355 16.31 -17.29 -2.88
N LEU B 356 16.06 -17.23 -1.57
CA LEU B 356 17.17 -17.09 -0.62
C LEU B 356 18.20 -18.20 -0.76
N PRO B 357 17.83 -19.49 -0.78
CA PRO B 357 18.83 -20.54 -0.98
C PRO B 357 19.67 -20.33 -2.22
N THR B 358 19.03 -20.20 -3.39
CA THR B 358 19.77 -20.09 -4.64
C THR B 358 20.59 -18.80 -4.70
N THR B 359 20.00 -17.68 -4.27
CA THR B 359 20.73 -16.41 -4.31
C THR B 359 21.95 -16.46 -3.40
N LEU B 360 21.80 -17.01 -2.19
CA LEU B 360 22.95 -17.12 -1.29
C LEU B 360 23.98 -18.07 -1.85
N ALA B 361 23.55 -19.16 -2.50
CA ALA B 361 24.50 -20.08 -3.10
C ALA B 361 25.32 -19.40 -4.19
N TYR B 362 24.66 -18.61 -5.04
CA TYR B 362 25.39 -17.90 -6.08
C TYR B 362 26.31 -16.83 -5.49
N TYR B 363 25.86 -16.14 -4.45
CA TYR B 363 26.70 -15.14 -3.80
C TYR B 363 27.95 -15.77 -3.22
N PHE B 364 27.81 -16.93 -2.58
CA PHE B 364 28.97 -17.65 -2.06
C PHE B 364 29.87 -18.13 -3.21
N LEU B 365 29.28 -18.65 -4.27
CA LEU B 365 30.08 -19.22 -5.37
C LEU B 365 30.90 -18.14 -6.06
N LEU B 366 30.31 -16.98 -6.32
CA LEU B 366 31.00 -15.95 -7.10
C LEU B 366 32.14 -15.29 -6.34
N ASP B 367 32.24 -15.50 -5.03
CA ASP B 367 33.30 -14.90 -4.24
C ASP B 367 34.53 -15.78 -4.13
N LEU B 368 34.53 -16.95 -4.77
CA LEU B 368 35.68 -17.85 -4.73
C LEU B 368 36.73 -17.41 -5.74
C01 E7O C . -9.54 5.04 5.51
C02 E7O C . -9.31 5.94 6.55
C03 E7O C . -9.56 5.56 7.86
C04 E7O C . -10.05 4.26 8.15
C05 E7O C . -10.28 3.39 7.12
C06 E7O C . -10.03 3.78 5.79
C07 E7O C . -10.77 2.10 7.38
C08 E7O C . -11.02 1.71 8.69
C09 E7O C . -10.78 2.59 9.73
C10 E7O C . -10.29 3.87 9.48
C12 E7O C . -9.82 4.41 11.94
C14 E7O C . -9.58 5.44 13.05
C15 E7O C . -8.65 5.13 14.04
C16 E7O C . -8.40 6.04 15.06
C17 E7O C . -9.06 7.25 15.09
C18 E7O C . -9.99 7.55 14.11
C19 E7O C . -10.25 6.65 13.09
C20 E7O C . -11.28 7.04 12.02
N11 E7O C . -10.05 4.82 10.56
O13 E7O C . -9.82 3.26 12.24
O21 E7O C . -10.90 7.52 10.92
O22 E7O C . -12.50 6.86 12.25
H011 E7O C . -9.36 5.35 4.49
H021 E7O C . -8.93 6.93 6.35
H031 E7O C . -9.37 6.25 8.68
H061 E7O C . -10.21 3.08 4.98
H071 E7O C . -10.94 1.41 6.56
H081 E7O C . -11.39 0.71 8.89
H091 E7O C . -10.99 2.28 10.74
H151 E7O C . -8.12 4.19 14.01
H161 E7O C . -7.67 5.79 15.82
H171 E7O C . -8.87 7.96 15.89
H181 E7O C . -10.51 8.50 14.14
H111 E7O C . -10.05 5.80 10.36
C1 DLP D . -9.14 -10.43 10.06
C2 DLP D . -8.10 -10.27 11.14
C3 DLP D . -8.15 -11.39 12.14
C4 DLP D . -13.40 -11.61 8.75
C5 DLP D . -13.40 -11.88 7.26
C6 DLP D . -15.87 -11.77 7.28
C7 DLP D . -14.70 -12.26 5.20
C8 DLP D . -14.77 -13.92 6.99
C11 DLP D . -6.60 -10.37 13.62
C12 DLP D . -5.12 -10.27 13.90
C13 DLP D . -4.79 -9.92 15.34
C14 DLP D . -3.29 -9.91 15.59
C15 DLP D . -2.90 -9.62 17.02
C16 DLP D . -1.45 -9.97 17.36
C17 DLP D . -1.13 -11.46 17.28
C18 DLP D . -2.08 -12.35 18.07
C19 DLP D . -3.30 -12.76 17.29
C20 DLP D . -4.49 -13.04 17.79
C21 DLP D . -4.92 -13.04 19.23
C22 DLP D . -5.60 -14.31 19.65
C23 DLP D . -6.81 -14.71 19.28
C24 DLP D . -7.74 -14.00 18.37
C25 DLP D . -9.22 -14.28 18.67
C26 DLP D . -9.66 -15.70 18.35
C27 DLP D . -11.11 -15.99 18.70
C28 DLP D . -12.10 -15.18 17.90
C31 DLP D . -6.20 -9.13 10.22
C32 DLP D . -4.86 -9.32 9.58
C33 DLP D . -3.69 -9.14 10.54
C34 DLP D . -3.69 -7.78 11.23
C35 DLP D . -2.55 -7.60 12.23
C36 DLP D . -2.71 -6.38 13.12
C37 DLP D . -1.75 -6.33 14.31
C38 DLP D . -0.32 -5.91 13.97
C39 DLP D . 0.62 -6.14 15.10
C40 DLP D . 1.92 -5.92 15.08
C41 DLP D . 2.88 -6.15 16.21
C42 DLP D . 4.15 -6.76 15.66
C43 DLP D . 5.19 -7.16 16.34
C44 DLP D . 5.37 -7.10 17.83
C45 DLP D . 6.59 -7.89 18.31
C46 DLP D . 6.80 -7.87 19.81
C47 DLP D . 7.93 -8.75 20.29
C48 DLP D . 9.28 -8.32 19.78
N DLP D . -14.68 -12.45 6.69
O2 DLP D . -6.78 -10.30 10.50
O3 DLP D . -6.87 -11.40 12.82
O11 DLP D . -7.42 -9.59 14.03
O31 DLP D . -6.70 -8.05 10.45
O1P DLP D . -11.14 -12.30 11.12
O2P DLP D . -12.77 -10.36 11.35
O3P DLP D . -10.41 -10.00 10.59
O4P DLP D . -12.06 -11.19 9.10
P DLP D . -11.65 -11.00 10.63
HC11 DLP D . -9.21 -11.47 9.73
HC12 DLP D . -8.92 -9.83 9.20
HC2 DLP D . -8.24 -9.33 11.67
HC31 DLP D . -8.91 -11.22 12.90
HC32 DLP D . -8.37 -12.33 11.65
HC41 DLP D . -14.15 -10.90 9.08
HC42 DLP D . -13.60 -12.55 9.28
HC51 DLP D . -12.59 -12.57 7.03
HC52 DLP D . -13.17 -10.96 6.73
HC61 DLP D . -16.77 -11.91 6.67
HC62 DLP D . -16.11 -12.13 8.27
HC63 DLP D . -15.73 -10.69 7.38
HC71 DLP D . -13.75 -12.56 4.76
HC72 DLP D . -14.85 -11.22 4.93
HC73 DLP D . -15.48 -12.84 4.71
HC81 DLP D . -14.58 -14.15 8.04
HC82 DLP D . -15.75 -14.32 6.75
HC83 DLP D . -14.03 -14.48 6.43
H121 DLP D . -4.67 -11.22 13.62
H122 DLP D . -4.69 -9.54 13.22
H131 DLP D . -5.21 -8.95 15.60
H132 DLP D . -5.29 -10.61 16.01
H141 DLP D . -2.82 -9.18 14.94
H142 DLP D . -2.87 -10.86 15.27
H151 DLP D . -3.07 -8.56 17.24
H152 DLP D . -3.58 -10.13 17.71
H161 DLP D . -1.21 -9.61 18.36
H162 DLP D . -0.78 -9.42 16.71
H171 DLP D . -1.11 -11.78 16.24
H172 DLP D . -0.11 -11.62 17.63
H181 DLP D . -1.56 -13.24 18.43
H182 DLP D . -2.40 -11.84 18.98
H19 DLP D . -3.15 -12.83 16.23
H20 DLP D . -5.28 -13.31 17.08
H211 DLP D . -4.05 -12.87 19.87
H212 DLP D . -5.58 -12.20 19.42
H22 DLP D . -5.02 -14.94 20.32
H23 DLP D . -7.16 -15.66 19.67
H241 DLP D . -7.56 -12.92 18.42
H242 DLP D . -7.52 -14.27 17.34
H251 DLP D . -9.84 -13.56 18.14
H252 DLP D . -9.41 -14.08 19.73
H261 DLP D . -9.51 -15.88 17.28
H262 DLP D . -9.02 -16.42 18.83
H271 DLP D . -11.27 -15.81 19.76
H272 DLP D . -11.31 -17.05 18.58
H281 DLP D . -12.00 -14.12 18.07
H282 DLP D . -13.14 -15.44 18.14
H283 DLP D . -11.99 -15.33 16.83
H321 DLP D . -4.80 -10.30 9.10
H322 DLP D . -4.78 -8.61 8.76
H331 DLP D . -2.75 -9.28 10.00
H332 DLP D . -3.69 -9.94 11.28
H341 DLP D . -4.63 -7.62 11.75
H342 DLP D . -3.65 -7.00 10.49
H351 DLP D . -1.61 -7.53 11.69
H352 DLP D . -2.44 -8.50 12.85
H361 DLP D . -3.74 -6.31 13.47
H362 DLP D . -2.56 -5.48 12.53
H371 DLP D . -2.15 -5.66 15.08
H372 DLP D . -1.73 -7.31 14.79
H381 DLP D . 0.02 -6.45 13.08
H382 DLP D . -0.31 -4.86 13.69
H39 DLP D . 0.16 -6.51 16.02
H40 DLP D . 2.37 -5.54 14.17
H411 DLP D . 2.45 -6.78 16.98
H412 DLP D . 3.10 -5.20 16.71
H42 DLP D . 4.15 -6.87 14.58
H43 DLP D . 6.04 -7.60 15.82
H441 DLP D . 5.45 -6.06 18.14
H442 DLP D . 4.47 -7.46 18.33
H451 DLP D . 7.48 -7.51 17.80
H452 DLP D . 6.51 -8.92 17.96
H461 DLP D . 6.95 -6.84 20.14
H462 DLP D . 5.87 -8.16 20.31
H471 DLP D . 7.74 -9.79 20.01
H472 DLP D . 7.95 -8.76 21.38
H481 DLP D . 9.52 -7.30 20.04
H482 DLP D . 10.09 -8.95 20.17
H483 DLP D . 9.34 -8.40 18.69
C01 E7O E . 4.03 -8.34 -7.83
C02 E7O E . 5.36 -8.29 -8.22
C03 E7O E . 5.70 -7.83 -9.48
C04 E7O E . 4.70 -7.41 -10.38
C05 E7O E . 3.38 -7.46 -9.98
C06 E7O E . 3.04 -7.93 -8.71
C07 E7O E . 2.37 -7.05 -10.87
C08 E7O E . 2.70 -6.58 -12.14
C09 E7O E . 4.03 -6.53 -12.52
C10 E7O E . 5.04 -6.94 -11.66
C12 E7O E . 6.94 -6.03 -13.12
C14 E7O E . 8.43 -6.02 -13.50
C15 E7O E . 9.01 -4.81 -13.86
C16 E7O E . 10.34 -4.76 -14.22
C17 E7O E . 11.12 -5.90 -14.22
C18 E7O E . 10.55 -7.11 -13.87
C19 E7O E . 9.20 -7.17 -13.50
C20 E7O E . 8.62 -8.53 -13.12
N11 E7O E . 6.45 -6.89 -12.05
O13 E7O E . 6.22 -5.30 -13.71
O21 E7O E . 8.52 -8.86 -11.92
O22 E7O E . 8.23 -9.32 -14.02
H011 E7O E . 3.76 -8.70 -6.84
H021 E7O E . 6.14 -8.61 -7.53
H031 E7O E . 6.74 -7.80 -9.78
H061 E7O E . 2.00 -7.97 -8.40
H071 E7O E . 1.33 -7.09 -10.56
H081 E7O E . 1.92 -6.26 -12.81
H091 E7O E . 4.28 -6.17 -13.52
H151 E7O E . 8.41 -3.91 -13.86
H161 E7O E . 10.79 -3.81 -14.50
H171 E7O E . 12.16 -5.86 -14.50
H181 E7O E . 11.14 -8.02 -13.87
H111 E7O E . 7.09 -7.49 -11.58
C1 DLP F . -5.43 2.01 -16.16
C2 DLP F . -4.37 3.06 -16.35
C3 DLP F . -4.71 4.01 -17.46
C4 DLP F . -8.22 -1.13 -17.92
C5 DLP F . -9.36 -1.35 -16.96
C6 DLP F . -9.63 -3.66 -17.82
C7 DLP F . -11.18 -2.80 -16.15
C8 DLP F . -11.26 -1.94 -18.43
C11 DLP F . -2.58 5.04 -17.46
C12 DLP F . -1.82 6.15 -16.79
C13 DLP F . -0.69 6.73 -17.62
C14 DLP F . -0.05 7.93 -16.94
C15 DLP F . 1.05 8.60 -17.75
C16 DLP F . 1.36 10.02 -17.30
C17 DLP F . 0.23 11.01 -17.50
C18 DLP F . -0.35 11.04 -18.92
C19 DLP F . -1.40 9.99 -19.14
C20 DLP F . -1.69 9.38 -20.28
C21 DLP F . -1.03 9.58 -21.61
C22 DLP F . -2.01 9.87 -22.71
C23 DLP F . -2.91 9.06 -23.21
C24 DLP F . -3.17 7.64 -22.78
C25 DLP F . -3.52 6.71 -23.94
C26 DLP F . -4.86 7.01 -24.59
C27 DLP F . -5.24 6.04 -25.69
C28 DLP F . -5.55 4.64 -25.19
C31 DLP F . -3.24 3.61 -14.30
C32 DLP F . -3.29 4.49 -13.09
C33 DLP F . -2.25 5.61 -13.10
C34 DLP F . -0.82 5.10 -13.20
C35 DLP F . 0.23 6.21 -13.24
C36 DLP F . 1.60 5.73 -13.69
C37 DLP F . 2.58 6.85 -14.03
C38 DLP F . 3.18 7.56 -12.82
C39 DLP F . 3.95 8.78 -13.21
C40 DLP F . 4.38 9.72 -12.39
C41 DLP F . 5.15 10.95 -12.76
C42 DLP F . 4.61 12.12 -11.98
C43 DLP F . 4.98 13.38 -12.07
C44 DLP F . 6.02 13.94 -12.99
C45 DLP F . 6.07 15.46 -12.95
C46 DLP F . 7.11 16.06 -13.88
C47 DLP F . 7.08 17.59 -13.94
C48 DLP F . 7.40 18.24 -12.61
N DLP F . -10.35 -2.43 -17.34
O2 DLP F . -4.28 3.84 -15.12
O3 DLP F . -3.89 5.19 -17.28
O11 DLP F . -2.07 4.13 -18.04
O31 DLP F . -2.38 2.80 -14.53
O1P DLP F . -6.54 1.77 -18.90
O2P DLP F . -5.61 -0.61 -18.99
O3P DLP F . -5.15 0.90 -17.04
O4P DLP F . -7.47 0.02 -17.43
P DLP F . -6.17 0.52 -18.20
HC11 DLP F . -6.43 2.40 -16.36
HC12 DLP F . -5.44 1.62 -15.15
HC2 DLP F . -3.42 2.60 -16.59
HC31 DLP F . -4.47 3.59 -18.45
HC32 DLP F . -5.78 4.23 -17.47
HC41 DLP F . -7.58 -2.00 -18.07
HC42 DLP F . -8.62 -0.87 -18.89
HC51 DLP F . -9.91 -0.42 -16.85
HC52 DLP F . -8.96 -1.58 -15.97
HC61 DLP F . -10.25 -4.55 -17.76
HC62 DLP F . -9.31 -3.55 -18.86
HC63 DLP F . -8.73 -3.86 -17.25
HC71 DLP F . -11.30 -1.95 -15.48
HC72 DLP F . -10.73 -3.61 -15.57
HC73 DLP F . -12.18 -3.14 -16.43
HC81 DLP F . -10.72 -1.59 -19.31
HC82 DLP F . -11.94 -2.71 -18.78
HC83 DLP F . -11.86 -1.09 -18.11
H121 DLP F . -2.53 6.93 -16.50
H122 DLP F . -1.43 5.77 -15.84
H131 DLP F . 0.06 5.97 -17.83
H132 DLP F . -1.07 7.01 -18.60
H141 DLP F . 0.36 7.61 -15.98
H142 DLP F . -0.82 8.65 -16.67
H151 DLP F . 1.95 7.99 -17.68
H152 DLP F . 0.81 8.56 -18.80
H161 DLP F . 2.24 10.38 -17.84
H162 DLP F . 1.68 10.02 -16.26
H171 DLP F . -0.56 10.82 -16.79
H172 DLP F . 0.58 12.01 -17.25
H181 DLP F . -0.75 12.03 -19.15
H182 DLP F . 0.46 10.89 -19.64
H19 DLP F . -1.99 9.74 -18.26
H20 DLP F . -2.48 8.64 -20.26
H211 DLP F . -0.30 10.38 -21.56
H212 DLP F . -0.45 8.69 -21.88
H22 DLP F . -1.94 10.87 -23.12
H23 DLP F . -3.56 9.42 -24.00
H241 DLP F . -2.30 7.26 -22.24
H242 DLP F . -3.97 7.64 -22.03
H251 DLP F . -3.50 5.68 -23.59
H252 DLP F . -2.74 6.75 -24.69
H261 DLP F . -5.65 7.02 -23.83
H262 DLP F . -4.87 8.02 -24.99
H271 DLP F . -4.45 6.00 -26.44
H272 DLP F . -6.10 6.42 -26.24
H281 DLP F . -4.67 4.18 -24.73
H282 DLP F . -5.86 3.97 -25.99
H283 DLP F . -6.34 4.63 -24.45
H321 DLP F . -4.29 4.92 -12.96
H322 DLP F . -3.15 3.86 -12.22
H331 DLP F . -2.37 6.22 -12.21
H332 DLP F . -2.46 6.30 -13.93
H341 DLP F . -0.71 4.47 -14.07
H342 DLP F . -0.62 4.45 -12.35
H351 DLP F . 0.30 6.67 -12.27
H352 DLP F . -0.12 7.01 -13.89
H361 DLP F . 1.50 5.06 -14.53
H362 DLP F . 2.04 5.11 -12.90
H371 DLP F . 3.39 6.45 -14.65
H372 DLP F . 2.08 7.58 -14.67
H381 DLP F . 2.40 7.82 -12.10
H382 DLP F . 3.84 6.87 -12.28
H39 DLP F . 4.15 8.88 -14.28
H40 DLP F . 4.18 9.62 -11.33
H411 DLP F . 5.08 11.14 -13.84
H412 DLP F . 6.20 10.81 -12.57
H42 DLP F . 3.83 11.86 -11.26
H43 DLP F . 4.50 14.13 -11.43
H441 DLP F . 7.00 13.53 -12.71
H442 DLP F . 5.87 13.59 -14.01
H451 DLP F . 6.26 15.79 -11.93
H452 DLP F . 5.09 15.86 -13.19
H461 DLP F . 8.11 15.74 -13.59
H462 DLP F . 6.98 15.67 -14.89
H471 DLP F . 6.10 17.93 -14.27
H472 DLP F . 7.77 17.95 -14.69
H481 DLP F . 8.38 17.94 -12.22
H482 DLP F . 7.42 19.33 -12.68
H483 DLP F . 6.67 18.00 -11.85
#